data_5UKM
#
_entry.id   5UKM
#
_cell.length_a   189.012
_cell.length_b   74.150
_cell.length_c   123.175
_cell.angle_alpha   90.000
_cell.angle_beta   115.460
_cell.angle_gamma   90.000
#
_symmetry.space_group_name_H-M   'C 1 2 1'
#
loop_
_entity.id
_entity.type
_entity.pdbx_description
1 polymer 'Beta-adrenergic receptor kinase 1'
2 polymer 'Guanine nucleotide-binding protein G(I)/G(S)/G(T) subunit beta-1'
3 polymer 'Guanine nucleotide-binding protein G(I)/G(S)/G(O) subunit gamma-2'
4 non-polymer 5-[(3S,4R)-3-{[(2H-1,3-benzodioxol-5-yl)oxy]methyl}piperidin-4-yl]-2-fluoro-N-[(1H-pyrazol-5-yl)methyl]benzamide
5 non-polymer 'MAGNESIUM ION'
6 non-polymer O-METHYLCYSTEINE
7 water water
#
loop_
_entity_poly.entity_id
_entity_poly.type
_entity_poly.pdbx_seq_one_letter_code
_entity_poly.pdbx_strand_id
1 'polypeptide(L)'
;MADLEAVLADVSYLMAMEKSKATPAARASKKILLPEPSIRSVMQKYLEDRGEVTFEKIFSQKLGYLLFRDFCLKHLEEAK
PLVEFYEEIKKYEKLETEEERLVCSREIFDTYIMKELLACSHPFSKSAIEHVQGHLVKKQVPPDLFQPYIEEICQNLRGD
VFQKFIESDKFTRFCQWKNVELNIHLTMNDFSVHRIIGRGGFGEVYGCRKADTGKMYAMKCLDKKRIKMKQGETLALNER
IMLSLVSTGDCPFIVCMSYAFHTPDKLSFILDLMNGGDLHYHLSQHGVFSEADMRFYAAEIILGLEHMHNRFVVYRDLKP
ANILLDEHGHVRISDLGLACDFSKKKPHASVGTHGYMAPEVLQKGVAYDSSADWFSLGCMLFKLLRGHSPFRQHKTKDKH
EIDRMTLTMAVELPDSFSPELRSLLEGLLQRDVNRRLGCLGRGAQEVKESPFFRSLDWQMVFLQKYPPPLIPPRGEVNAA
DAFDIGSFDEEDTKGIKLLDSDQELYRNFPLTISERWQQEVAETVFDTINAETDRLEARKKTKNKQLGHEEDYALGKDCI
MHGYMSKMGNPFLTQWQRRYFYLFPNRLEWRGEGEAPQSLLTMEEIQSVEETQIKERKCLLLKIRGGKQFVLQCDSDPEL
VQWKKELRDAYREAQQLVQRVPKMKNKPRAPVVELSKVPLIQRGSANGLHHHHHH
;
A
2 'polypeptide(L)'
;MHHHHHHGSSGSELDQLRQEAEQLKNQIRDARKACADATLSQITNNIDPVGRIQMRTRRTLRGHLAKIYAMHWGTDSRLL
VSASQDGKLIIWDSYTTNKVHAIPLRSSWVMTCAYAPSGNYVACGGLDNICSIYNLKTREGNVRVSRELAGHTGYLSCCR
FLDDNQIVTSSGDTTCALWDIETGQQTTTFTGHTGDVMSLSLAPDTRLFVSGACDASAKLWDVREGMCRQTFTGHESDIN
AICFFPNGNAFATGSDDATCRLFDLRADQELMTYSHDNIICGITSVSFSKSGRLLLAGYDDFNCNVWDALKADRAGVLAG
HDNRVSCLGVTDDGMAVATGSWDSFLKIWN
;
B
3 'polypeptide(L)' MASNNTASIAQARKLVEQLKMEANIDRIKVSKAAADLMAYCEAHAKEDPLLTPVPASENPFREKKFFCAIL G
#
loop_
_chem_comp.id
_chem_comp.type
_chem_comp.name
_chem_comp.formula
MG non-polymer 'MAGNESIUM ION' 'Mg 2'
T0E non-polymer 5-[(3S,4R)-3-{[(2H-1,3-benzodioxol-5-yl)oxy]methyl}piperidin-4-yl]-2-fluoro-N-[(1H-pyrazol-5-yl)methyl]benzamide 'C24 H25 F N4 O4'
#
# COMPACT_ATOMS: atom_id res chain seq x y z
N LYS A 31 17.77 22.34 7.73
CA LYS A 31 17.93 21.80 6.34
C LYS A 31 17.10 20.52 6.03
N ILE A 32 16.58 20.45 4.80
CA ILE A 32 15.79 19.32 4.30
C ILE A 32 16.72 18.18 3.94
N LEU A 33 16.50 17.06 4.64
CA LEU A 33 17.08 15.77 4.28
C LEU A 33 15.97 14.87 3.77
N LEU A 34 16.15 14.35 2.56
CA LEU A 34 15.16 13.46 1.97
C LEU A 34 15.28 12.08 2.58
N PRO A 35 14.19 11.30 2.57
CA PRO A 35 14.26 9.88 2.85
C PRO A 35 15.17 9.13 1.88
N GLU A 36 15.23 7.81 2.04
CA GLU A 36 16.05 6.90 1.20
C GLU A 36 15.15 6.28 0.14
N PRO A 37 15.72 5.83 -0.99
CA PRO A 37 14.85 5.32 -2.08
C PRO A 37 13.88 4.14 -1.72
N SER A 38 14.18 3.42 -0.62
CA SER A 38 13.32 2.37 -0.04
C SER A 38 11.93 2.83 0.42
N ILE A 39 11.76 4.15 0.63
CA ILE A 39 10.43 4.69 1.01
C ILE A 39 9.39 4.62 -0.12
N ARG A 40 9.87 4.38 -1.34
CA ARG A 40 8.99 4.16 -2.46
C ARG A 40 7.88 3.15 -2.16
N SER A 41 8.29 1.99 -1.64
CA SER A 41 7.41 0.85 -1.40
C SER A 41 6.20 1.23 -0.56
N VAL A 42 6.38 2.12 0.41
CA VAL A 42 5.29 2.61 1.24
C VAL A 42 4.47 3.73 0.57
N MET A 43 5.16 4.76 0.02
CA MET A 43 4.50 5.92 -0.61
C MET A 43 3.69 5.56 -1.86
N GLN A 44 4.27 4.76 -2.74
CA GLN A 44 3.54 4.28 -3.93
C GLN A 44 2.19 3.67 -3.59
N LYS A 45 2.14 2.93 -2.48
CA LYS A 45 0.91 2.35 -2.00
C LYS A 45 -0.02 3.43 -1.42
N TYR A 46 0.54 4.27 -0.56
CA TYR A 46 -0.18 5.42 0.01
C TYR A 46 -0.88 6.23 -1.08
N LEU A 47 -0.13 6.55 -2.13
CA LEU A 47 -0.64 7.36 -3.21
C LEU A 47 -1.69 6.57 -4.01
N GLU A 48 -1.39 5.31 -4.36
CA GLU A 48 -2.32 4.46 -5.18
C GLU A 48 -3.67 4.32 -4.52
N ASP A 49 -3.72 4.24 -3.20
CA ASP A 49 -4.98 4.27 -2.47
C ASP A 49 -5.83 5.50 -2.74
N ARG A 50 -5.18 6.63 -3.01
CA ARG A 50 -5.86 7.89 -3.29
C ARG A 50 -5.86 8.25 -4.77
N GLY A 51 -5.33 7.37 -5.62
CA GLY A 51 -5.39 7.54 -7.06
C GLY A 51 -4.60 8.75 -7.52
N GLU A 52 -3.46 8.96 -6.85
CA GLU A 52 -2.61 10.11 -7.16
C GLU A 52 -1.37 9.65 -7.92
N VAL A 53 -1.38 8.38 -8.35
CA VAL A 53 -0.33 7.84 -9.21
C VAL A 53 -0.81 7.82 -10.67
N THR A 54 -1.62 8.81 -11.08
CA THR A 54 -2.09 8.92 -12.46
C THR A 54 -1.25 10.01 -13.05
N PHE A 55 -1.31 10.15 -14.38
CA PHE A 55 -0.60 11.23 -15.12
C PHE A 55 -1.13 12.63 -14.81
N GLU A 56 -2.44 12.81 -14.92
CA GLU A 56 -3.07 14.09 -14.58
C GLU A 56 -2.61 14.58 -13.19
N LYS A 57 -2.67 13.76 -12.17
CA LYS A 57 -2.41 14.22 -10.79
C LYS A 57 -0.92 14.54 -10.53
N ILE A 58 -0.01 13.84 -11.23
CA ILE A 58 1.44 14.00 -11.05
C ILE A 58 2.00 15.06 -11.98
N PHE A 59 1.59 15.01 -13.25
CA PHE A 59 2.05 15.99 -14.25
C PHE A 59 1.66 17.39 -13.82
N SER A 60 0.43 17.56 -13.35
CA SER A 60 -0.06 18.84 -12.93
C SER A 60 0.50 19.35 -11.57
N GLN A 61 1.43 18.65 -10.94
CA GLN A 61 2.11 19.18 -9.71
C GLN A 61 3.43 19.76 -10.14
N LYS A 62 3.94 20.71 -9.37
CA LYS A 62 5.19 21.37 -9.78
C LYS A 62 6.40 20.45 -9.78
N LEU A 63 6.58 19.73 -8.67
CA LEU A 63 7.71 18.79 -8.53
C LEU A 63 7.49 17.51 -9.34
N GLY A 64 6.21 17.15 -9.53
CA GLY A 64 5.85 16.01 -10.35
C GLY A 64 6.22 16.26 -11.78
N TYR A 65 5.74 17.41 -12.28
CA TYR A 65 6.13 17.90 -13.59
C TYR A 65 7.65 17.94 -13.80
N LEU A 66 8.38 18.48 -12.83
CA LEU A 66 9.82 18.64 -13.03
C LEU A 66 10.56 17.30 -13.18
N LEU A 67 10.25 16.33 -12.34
CA LEU A 67 10.92 15.02 -12.40
C LEU A 67 10.47 14.21 -13.62
N PHE A 68 9.20 14.35 -13.97
CA PHE A 68 8.67 13.78 -15.22
C PHE A 68 9.40 14.34 -16.46
N ARG A 69 9.50 15.66 -16.52
CA ARG A 69 10.23 16.38 -17.58
C ARG A 69 11.66 15.84 -17.76
N ASP A 70 12.35 15.81 -16.64
CA ASP A 70 13.70 15.24 -16.54
C ASP A 70 13.80 13.83 -17.13
N PHE A 71 12.83 12.97 -16.79
CA PHE A 71 12.82 11.58 -17.29
C PHE A 71 12.67 11.54 -18.81
N CYS A 72 11.71 12.29 -19.32
CA CYS A 72 11.47 12.36 -20.75
C CYS A 72 12.64 13.06 -21.52
N LEU A 73 13.32 14.00 -20.88
CA LEU A 73 14.47 14.68 -21.52
C LEU A 73 15.75 13.84 -21.49
N LYS A 74 15.95 13.01 -20.48
CA LYS A 74 17.27 12.37 -20.27
C LYS A 74 17.30 10.86 -20.42
N HIS A 75 16.16 10.18 -20.27
CA HIS A 75 16.15 8.71 -20.19
C HIS A 75 15.24 7.99 -21.19
N LEU A 76 14.50 8.70 -22.04
CA LEU A 76 13.62 8.03 -23.00
C LEU A 76 13.51 8.80 -24.32
N GLU A 77 14.17 8.26 -25.34
CA GLU A 77 14.41 8.98 -26.61
C GLU A 77 13.12 9.34 -27.36
N GLU A 78 12.10 8.48 -27.27
CA GLU A 78 10.76 8.77 -27.82
C GLU A 78 10.06 10.00 -27.17
N ALA A 79 10.33 10.27 -25.90
CA ALA A 79 9.62 11.32 -25.16
C ALA A 79 10.16 12.76 -25.33
N LYS A 80 11.47 12.92 -25.57
CA LYS A 80 12.09 14.26 -25.54
C LYS A 80 11.45 15.28 -26.49
N PRO A 81 11.17 14.91 -27.76
CA PRO A 81 10.59 15.97 -28.60
C PRO A 81 9.15 16.39 -28.24
N LEU A 82 8.45 15.59 -27.45
CA LEU A 82 7.09 15.92 -27.01
C LEU A 82 7.12 16.89 -25.84
N VAL A 83 8.07 16.70 -24.91
CA VAL A 83 8.21 17.60 -23.76
C VAL A 83 8.85 18.89 -24.26
N GLU A 84 9.93 18.78 -25.03
CA GLU A 84 10.54 19.93 -25.69
C GLU A 84 9.49 20.85 -26.34
N PHE A 85 8.62 20.26 -27.15
CA PHE A 85 7.50 20.96 -27.81
C PHE A 85 6.53 21.56 -26.79
N TYR A 86 6.19 20.76 -25.78
CA TYR A 86 5.31 21.21 -24.69
C TYR A 86 5.85 22.52 -24.09
N GLU A 87 7.13 22.50 -23.73
CA GLU A 87 7.81 23.60 -23.05
C GLU A 87 7.84 24.85 -23.96
N GLU A 88 8.00 24.60 -25.25
CA GLU A 88 8.02 25.64 -26.22
C GLU A 88 6.66 26.34 -26.33
N ILE A 89 5.55 25.60 -26.35
CA ILE A 89 4.19 26.20 -26.36
C ILE A 89 3.98 27.00 -25.07
N LYS A 90 4.40 26.47 -23.95
CA LYS A 90 4.14 27.15 -22.66
C LYS A 90 4.76 28.51 -22.59
N LYS A 91 5.94 28.65 -23.21
CA LYS A 91 6.63 29.93 -23.38
C LYS A 91 5.90 30.87 -24.34
N TYR A 92 5.44 30.32 -25.47
CA TYR A 92 4.62 31.07 -26.41
C TYR A 92 3.38 31.67 -25.77
N GLU A 93 2.74 30.92 -24.87
CA GLU A 93 1.58 31.39 -24.10
C GLU A 93 1.86 32.65 -23.26
N LYS A 94 3.08 32.80 -22.75
CA LYS A 94 3.48 33.98 -21.97
C LYS A 94 3.95 35.20 -22.80
N LEU A 95 4.16 35.05 -24.11
CA LEU A 95 4.72 36.13 -24.94
C LEU A 95 3.80 37.35 -24.99
N GLU A 96 4.31 38.53 -24.62
CA GLU A 96 3.48 39.71 -24.37
C GLU A 96 2.83 40.30 -25.63
N THR A 97 3.64 40.62 -26.65
CA THR A 97 3.19 41.31 -27.90
C THR A 97 2.83 40.39 -29.09
N GLU A 98 1.88 40.84 -29.91
CA GLU A 98 1.47 40.09 -31.12
C GLU A 98 2.62 39.83 -32.09
N GLU A 99 3.59 40.74 -32.17
CA GLU A 99 4.73 40.55 -33.08
C GLU A 99 5.63 39.40 -32.62
N GLU A 100 5.78 39.24 -31.30
CA GLU A 100 6.59 38.17 -30.74
C GLU A 100 5.99 36.80 -31.07
N ARG A 101 4.67 36.75 -30.99
CA ARG A 101 3.91 35.56 -31.29
C ARG A 101 4.08 35.14 -32.76
N LEU A 102 3.78 36.01 -33.71
CA LEU A 102 4.01 35.69 -35.14
C LEU A 102 5.37 35.03 -35.41
N VAL A 103 6.41 35.53 -34.75
CA VAL A 103 7.77 35.06 -34.98
C VAL A 103 7.96 33.71 -34.28
N CYS A 104 7.65 33.65 -32.99
CA CYS A 104 7.78 32.40 -32.26
C CYS A 104 6.87 31.28 -32.82
N SER A 105 5.66 31.61 -33.26
CA SER A 105 4.73 30.59 -33.74
C SER A 105 5.24 29.89 -34.99
N ARG A 106 5.85 30.63 -35.92
CA ARG A 106 6.41 30.04 -37.14
C ARG A 106 7.69 29.26 -36.83
N GLU A 107 8.41 29.66 -35.80
CA GLU A 107 9.59 28.92 -35.30
C GLU A 107 9.20 27.54 -34.70
N ILE A 108 8.08 27.53 -33.98
CA ILE A 108 7.46 26.32 -33.46
C ILE A 108 6.87 25.45 -34.58
N PHE A 109 6.27 26.08 -35.56
CA PHE A 109 5.74 25.35 -36.70
C PHE A 109 6.88 24.64 -37.45
N ASP A 110 7.85 25.38 -37.96
CA ASP A 110 8.90 24.81 -38.81
C ASP A 110 9.78 23.73 -38.16
N THR A 111 9.86 23.71 -36.82
CA THR A 111 10.71 22.78 -36.05
C THR A 111 9.96 21.52 -35.55
N TYR A 112 8.82 21.73 -34.90
CA TYR A 112 8.10 20.63 -34.25
C TYR A 112 6.95 20.06 -35.08
N ILE A 113 6.57 20.71 -36.17
CA ILE A 113 5.53 20.21 -37.06
C ILE A 113 6.16 19.73 -38.37
N MET A 114 6.74 20.67 -39.10
CA MET A 114 7.30 20.42 -40.41
C MET A 114 8.50 19.44 -40.44
N LYS A 115 9.48 19.62 -39.53
CA LYS A 115 10.68 18.75 -39.43
C LYS A 115 10.29 17.33 -38.99
N GLU A 116 9.54 17.26 -37.90
CA GLU A 116 8.96 16.01 -37.44
C GLU A 116 8.21 15.31 -38.62
N LEU A 117 7.43 16.07 -39.42
CA LEU A 117 6.65 15.51 -40.55
C LEU A 117 7.51 15.01 -41.70
N LEU A 118 8.55 15.75 -42.04
CA LEU A 118 9.49 15.33 -43.08
C LEU A 118 10.36 14.17 -42.61
N ALA A 119 10.59 14.09 -41.31
CA ALA A 119 11.25 12.94 -40.69
C ALA A 119 10.37 11.67 -40.55
N CYS A 120 9.12 11.72 -41.01
CA CYS A 120 8.17 10.60 -40.87
C CYS A 120 7.96 10.19 -39.38
N SER A 121 7.93 11.22 -38.54
CA SER A 121 8.14 11.12 -37.09
C SER A 121 7.33 12.20 -36.33
N HIS A 122 6.07 12.42 -36.79
CA HIS A 122 5.16 13.41 -36.23
C HIS A 122 3.87 12.72 -35.82
N PRO A 123 3.82 12.20 -34.57
CA PRO A 123 2.65 11.52 -34.03
C PRO A 123 1.56 12.48 -33.53
N PHE A 124 0.85 13.08 -34.48
CA PHE A 124 -0.16 14.10 -34.19
C PHE A 124 -1.19 14.10 -35.32
N SER A 125 -2.38 14.56 -35.02
CA SER A 125 -3.48 14.42 -35.94
C SER A 125 -3.41 15.41 -37.10
N LYS A 126 -4.23 15.16 -38.12
CA LYS A 126 -4.42 16.10 -39.21
C LYS A 126 -5.06 17.35 -38.64
N SER A 127 -6.21 17.20 -37.97
CA SER A 127 -6.96 18.36 -37.45
C SER A 127 -6.05 19.31 -36.65
N ALA A 128 -5.11 18.74 -35.89
CA ALA A 128 -4.10 19.52 -35.15
C ALA A 128 -3.19 20.31 -36.08
N ILE A 129 -2.65 19.66 -37.10
CA ILE A 129 -1.81 20.32 -38.09
C ILE A 129 -2.57 21.47 -38.76
N GLU A 130 -3.76 21.15 -39.28
CA GLU A 130 -4.52 22.11 -40.06
C GLU A 130 -5.13 23.26 -39.23
N HIS A 131 -5.18 23.10 -37.90
CA HIS A 131 -5.61 24.17 -37.00
C HIS A 131 -4.57 25.27 -36.96
N VAL A 132 -3.30 24.88 -36.79
CA VAL A 132 -2.19 25.83 -36.67
C VAL A 132 -1.86 26.45 -38.05
N GLN A 133 -1.65 25.58 -39.04
CA GLN A 133 -1.45 25.99 -40.46
C GLN A 133 -2.54 26.92 -41.00
N GLY A 134 -3.79 26.65 -40.63
CA GLY A 134 -4.89 27.53 -40.97
C GLY A 134 -4.72 28.89 -40.33
N HIS A 135 -4.45 28.88 -39.03
CA HIS A 135 -4.36 30.11 -38.25
C HIS A 135 -3.14 30.95 -38.62
N LEU A 136 -2.03 30.29 -38.92
CA LEU A 136 -0.79 30.97 -39.29
C LEU A 136 -0.88 31.67 -40.65
N VAL A 137 -1.26 30.92 -41.67
CA VAL A 137 -1.43 31.45 -43.01
C VAL A 137 -2.31 32.72 -43.00
N LYS A 138 -3.27 32.83 -42.08
CA LYS A 138 -4.04 34.09 -41.90
C LYS A 138 -3.43 35.10 -40.90
N LYS A 139 -2.22 34.83 -40.41
CA LYS A 139 -1.52 35.65 -39.40
C LYS A 139 -2.37 35.99 -38.17
N GLN A 140 -3.03 34.94 -37.67
CA GLN A 140 -3.77 34.97 -36.41
C GLN A 140 -2.89 34.21 -35.45
N VAL A 141 -2.40 34.88 -34.42
CA VAL A 141 -1.49 34.26 -33.43
C VAL A 141 -1.94 34.57 -31.99
N PRO A 142 -3.09 34.01 -31.58
CA PRO A 142 -3.53 34.24 -30.21
C PRO A 142 -2.71 33.35 -29.27
N PRO A 143 -2.67 33.67 -27.96
CA PRO A 143 -1.99 32.80 -26.99
C PRO A 143 -2.40 31.32 -27.07
N ASP A 144 -3.72 31.09 -27.17
CA ASP A 144 -4.28 29.73 -27.25
C ASP A 144 -4.04 28.96 -28.56
N LEU A 145 -3.35 29.55 -29.54
CA LEU A 145 -3.17 28.94 -30.87
C LEU A 145 -2.82 27.48 -30.79
N PHE A 146 -1.85 27.16 -29.94
CA PHE A 146 -1.29 25.80 -29.87
C PHE A 146 -2.04 24.77 -29.00
N GLN A 147 -3.27 25.09 -28.55
CA GLN A 147 -3.93 24.34 -27.50
C GLN A 147 -4.33 22.88 -27.88
N PRO A 148 -4.74 22.64 -29.14
CA PRO A 148 -4.92 21.26 -29.57
C PRO A 148 -3.69 20.37 -29.45
N TYR A 149 -2.50 20.96 -29.57
CA TYR A 149 -1.25 20.21 -29.37
C TYR A 149 -0.93 19.97 -27.89
N ILE A 150 -1.36 20.86 -27.00
CA ILE A 150 -1.20 20.63 -25.57
C ILE A 150 -1.92 19.33 -25.21
N GLU A 151 -3.18 19.22 -25.63
CA GLU A 151 -4.00 18.04 -25.43
C GLU A 151 -3.41 16.78 -26.08
N GLU A 152 -3.02 16.86 -27.35
CA GLU A 152 -2.42 15.68 -28.05
C GLU A 152 -0.99 15.30 -27.58
N ILE A 153 -0.25 16.26 -27.02
CA ILE A 153 1.05 15.95 -26.41
C ILE A 153 0.72 15.15 -25.17
N CYS A 154 -0.17 15.69 -24.34
CA CYS A 154 -0.58 14.99 -23.13
C CYS A 154 -1.01 13.59 -23.46
N GLN A 155 -1.85 13.44 -24.47
CA GLN A 155 -2.28 12.11 -24.93
C GLN A 155 -1.13 11.13 -25.14
N ASN A 156 -0.11 11.55 -25.86
CA ASN A 156 1.03 10.69 -26.15
C ASN A 156 1.99 10.54 -24.99
N LEU A 157 1.85 11.29 -23.90
CA LEU A 157 2.74 11.18 -22.74
C LEU A 157 2.20 10.26 -21.65
N ARG A 158 0.92 10.45 -21.33
CA ARG A 158 0.15 9.53 -20.50
C ARG A 158 0.10 8.18 -21.19
N GLY A 159 0.13 7.10 -20.42
CA GLY A 159 0.20 5.78 -21.02
C GLY A 159 1.61 5.20 -21.03
N ASP A 160 2.10 4.78 -22.18
CA ASP A 160 3.32 3.98 -22.19
C ASP A 160 4.47 4.74 -21.56
N VAL A 161 4.62 6.00 -21.94
CA VAL A 161 5.68 6.88 -21.41
C VAL A 161 5.54 7.01 -19.90
N PHE A 162 4.36 7.43 -19.45
CA PHE A 162 4.07 7.53 -18.02
C PHE A 162 4.41 6.26 -17.23
N GLN A 163 4.07 5.10 -17.79
CA GLN A 163 4.32 3.84 -17.12
C GLN A 163 5.82 3.61 -16.93
N LYS A 164 6.63 3.87 -17.95
CA LYS A 164 8.09 3.80 -17.79
C LYS A 164 8.62 4.82 -16.77
N PHE A 165 8.01 6.01 -16.76
CA PHE A 165 8.29 7.02 -15.75
C PHE A 165 8.01 6.51 -14.36
N ILE A 166 6.91 5.79 -14.17
CA ILE A 166 6.66 5.11 -12.88
C ILE A 166 7.71 4.02 -12.59
N GLU A 167 8.10 3.25 -13.60
CA GLU A 167 9.21 2.29 -13.47
C GLU A 167 10.58 2.93 -13.09
N SER A 168 10.77 4.22 -13.35
CA SER A 168 12.09 4.90 -13.16
C SER A 168 12.45 5.44 -11.77
N ASP A 169 13.71 5.88 -11.64
CA ASP A 169 14.24 6.56 -10.43
C ASP A 169 13.56 7.85 -10.09
N LYS A 170 12.95 8.47 -11.09
CA LYS A 170 12.42 9.80 -10.93
C LYS A 170 11.14 9.76 -10.13
N PHE A 171 10.31 8.75 -10.40
CA PHE A 171 9.09 8.51 -9.59
C PHE A 171 9.44 8.03 -8.18
N THR A 172 10.54 7.28 -8.08
CA THR A 172 11.19 6.98 -6.80
C THR A 172 11.49 8.32 -6.10
N ARG A 173 12.17 9.23 -6.80
CA ARG A 173 12.50 10.54 -6.24
C ARG A 173 11.26 11.41 -5.92
N PHE A 174 10.25 11.38 -6.79
CA PHE A 174 8.97 12.04 -6.52
C PHE A 174 8.40 11.58 -5.18
N CYS A 175 8.46 10.27 -4.93
CA CYS A 175 7.96 9.73 -3.67
C CYS A 175 8.80 10.24 -2.50
N GLN A 176 10.13 10.20 -2.65
CA GLN A 176 11.04 10.69 -1.61
C GLN A 176 10.63 12.11 -1.23
N TRP A 177 10.37 12.95 -2.25
CA TRP A 177 9.89 14.34 -2.08
C TRP A 177 8.48 14.42 -1.47
N LYS A 178 7.54 13.70 -2.06
CA LYS A 178 6.13 13.78 -1.63
C LYS A 178 5.94 13.24 -0.18
N ASN A 179 6.87 12.40 0.28
CA ASN A 179 6.92 11.98 1.67
C ASN A 179 7.24 13.16 2.57
N VAL A 180 8.23 13.97 2.18
CA VAL A 180 8.67 15.12 3.00
C VAL A 180 7.52 16.12 3.16
N GLU A 181 6.74 16.25 2.10
CA GLU A 181 5.57 17.10 2.07
C GLU A 181 4.48 16.63 3.03
N LEU A 182 4.18 15.34 3.01
CA LEU A 182 3.06 14.84 3.82
C LEU A 182 3.37 14.64 5.29
N ASN A 183 4.59 15.05 5.67
CA ASN A 183 5.09 15.00 7.02
C ASN A 183 5.62 16.38 7.45
N ILE A 184 4.95 17.44 7.05
CA ILE A 184 5.33 18.78 7.46
C ILE A 184 4.69 19.06 8.80
N HIS A 185 5.51 19.44 9.77
CA HIS A 185 5.01 19.92 11.05
C HIS A 185 5.86 21.08 11.41
N LEU A 186 5.24 22.25 11.48
CA LEU A 186 5.99 23.47 11.74
C LEU A 186 5.89 23.87 13.20
N THR A 187 6.81 24.73 13.58
CA THR A 187 6.85 25.38 14.89
C THR A 187 7.44 26.76 14.64
N MET A 188 7.72 27.49 15.71
CA MET A 188 8.52 28.69 15.61
C MET A 188 9.95 28.37 15.18
N ASN A 189 10.60 27.40 15.80
CA ASN A 189 11.99 27.07 15.46
C ASN A 189 12.30 26.65 14.01
N ASP A 190 11.28 26.46 13.18
CA ASP A 190 11.48 26.28 11.72
C ASP A 190 11.62 27.63 10.98
N PHE A 191 11.28 28.71 11.69
CA PHE A 191 11.46 30.07 11.20
C PHE A 191 12.48 30.87 12.01
N SER A 192 12.92 31.95 11.38
CA SER A 192 13.87 32.90 11.94
C SER A 192 13.17 34.24 11.83
N VAL A 193 12.67 34.75 12.96
CA VAL A 193 11.81 35.93 12.97
C VAL A 193 12.65 37.23 12.99
N HIS A 194 12.30 38.18 12.11
CA HIS A 194 12.95 39.51 12.01
C HIS A 194 11.97 40.63 12.48
N ARG A 195 12.30 41.90 12.21
CA ARG A 195 11.52 43.10 12.66
C ARG A 195 10.02 43.11 12.33
N ILE A 196 9.21 43.75 13.18
CA ILE A 196 7.73 43.77 13.05
C ILE A 196 7.39 44.40 11.70
N ILE A 197 6.26 44.07 11.10
CA ILE A 197 5.78 44.78 9.90
C ILE A 197 4.28 45.17 9.87
N GLY A 198 3.54 44.86 10.93
CA GLY A 198 2.12 45.24 11.07
C GLY A 198 1.61 45.01 12.48
N ARG A 199 0.51 45.68 12.86
CA ARG A 199 -0.12 45.56 14.20
C ARG A 199 -1.59 45.99 14.17
N GLY A 200 -2.52 45.06 14.37
CA GLY A 200 -3.96 45.35 14.43
C GLY A 200 -4.57 45.04 15.78
N GLY A 201 -5.89 44.86 15.80
CA GLY A 201 -6.60 44.60 17.06
C GLY A 201 -6.32 43.27 17.73
N PHE A 202 -6.25 42.20 16.93
CA PHE A 202 -6.11 40.84 17.44
C PHE A 202 -4.66 40.31 17.45
N GLY A 203 -3.79 40.83 16.57
CA GLY A 203 -2.42 40.33 16.50
C GLY A 203 -1.43 41.31 15.87
N GLU A 204 -0.32 40.77 15.38
CA GLU A 204 0.79 41.57 14.83
C GLU A 204 1.64 40.72 13.89
N VAL A 205 1.98 41.28 12.73
CA VAL A 205 2.70 40.55 11.67
C VAL A 205 4.21 40.81 11.75
N TYR A 206 4.99 39.80 11.42
CA TYR A 206 6.45 39.89 11.43
C TYR A 206 6.98 39.44 10.10
N GLY A 207 8.23 39.80 9.83
CA GLY A 207 8.94 39.33 8.65
C GLY A 207 9.93 38.28 9.09
N CYS A 208 9.99 37.16 8.37
CA CYS A 208 10.74 35.97 8.81
C CYS A 208 11.46 35.28 7.65
N ARG A 209 12.27 34.29 8.00
CA ARG A 209 12.81 33.37 6.99
C ARG A 209 12.54 31.90 7.36
N LYS A 210 12.06 31.12 6.39
CA LYS A 210 11.88 29.68 6.57
C LYS A 210 13.24 29.02 6.37
N ALA A 211 13.73 28.41 7.46
CA ALA A 211 15.13 28.05 7.62
C ALA A 211 15.66 27.08 6.56
N ASP A 212 14.83 26.11 6.22
CA ASP A 212 15.25 25.01 5.35
C ASP A 212 15.39 25.38 3.88
N THR A 213 14.63 26.38 3.44
CA THR A 213 14.70 26.90 2.06
C THR A 213 15.36 28.25 1.90
N GLY A 214 15.33 29.06 2.97
CA GLY A 214 15.75 30.45 2.89
C GLY A 214 14.84 31.29 2.01
N LYS A 215 13.52 31.15 2.23
CA LYS A 215 12.49 31.93 1.56
C LYS A 215 11.94 32.92 2.58
N MET A 216 11.76 34.17 2.14
CA MET A 216 11.28 35.25 2.99
C MET A 216 9.76 35.33 2.96
N TYR A 217 9.15 35.43 4.14
CA TYR A 217 7.69 35.44 4.29
C TYR A 217 7.32 36.42 5.36
N ALA A 218 6.02 36.67 5.48
CA ALA A 218 5.48 37.32 6.66
C ALA A 218 4.81 36.26 7.51
N MET A 219 4.96 36.38 8.83
CA MET A 219 4.33 35.51 9.81
C MET A 219 3.34 36.32 10.64
N LYS A 220 2.05 36.14 10.37
CA LYS A 220 0.99 36.69 11.19
C LYS A 220 0.92 35.88 12.48
N CYS A 221 0.81 36.55 13.64
CA CYS A 221 0.69 35.86 14.94
C CYS A 221 -0.44 36.40 15.77
N LEU A 222 -1.63 35.82 15.55
CA LEU A 222 -2.83 36.18 16.31
C LEU A 222 -2.75 35.56 17.71
N ASP A 223 -3.07 36.34 18.76
CA ASP A 223 -3.10 35.83 20.16
C ASP A 223 -4.45 35.16 20.45
N LYS A 224 -4.42 33.99 21.07
CA LYS A 224 -5.66 33.29 21.43
C LYS A 224 -6.38 34.04 22.57
N LYS A 225 -5.60 34.49 23.53
CA LYS A 225 -6.13 35.15 24.73
C LYS A 225 -6.94 36.40 24.40
N ARG A 226 -6.49 37.16 23.41
CA ARG A 226 -7.20 38.36 22.89
C ARG A 226 -8.49 37.99 22.13
N ILE A 227 -8.39 37.00 21.25
CA ILE A 227 -9.53 36.53 20.43
C ILE A 227 -10.70 36.21 21.32
N LYS A 228 -10.44 35.44 22.37
CA LYS A 228 -11.48 35.06 23.33
C LYS A 228 -12.02 36.30 24.02
N MET A 229 -11.11 37.21 24.38
CA MET A 229 -11.49 38.42 25.09
C MET A 229 -12.38 39.36 24.27
N LYS A 230 -12.18 39.44 22.95
CA LYS A 230 -13.03 40.29 22.09
C LYS A 230 -14.09 39.51 21.28
N GLN A 231 -14.20 38.20 21.50
CA GLN A 231 -15.18 37.32 20.80
C GLN A 231 -15.08 37.38 19.29
N GLY A 232 -13.91 37.04 18.78
CA GLY A 232 -13.65 36.99 17.35
C GLY A 232 -13.13 35.64 16.90
N GLU A 233 -13.67 34.58 17.48
CA GLU A 233 -13.37 33.24 17.04
C GLU A 233 -13.89 33.06 15.61
N THR A 234 -15.07 33.61 15.32
CA THR A 234 -15.65 33.66 13.95
C THR A 234 -14.80 34.45 12.93
N LEU A 235 -14.14 35.52 13.40
CA LEU A 235 -13.22 36.31 12.57
C LEU A 235 -11.97 35.50 12.20
N ALA A 236 -11.26 35.01 13.23
CA ALA A 236 -10.04 34.19 13.05
C ALA A 236 -10.30 32.94 12.23
N LEU A 237 -11.36 32.22 12.60
CA LEU A 237 -11.75 31.03 11.87
C LEU A 237 -12.03 31.35 10.43
N ASN A 238 -12.90 32.33 10.16
CA ASN A 238 -13.31 32.63 8.78
C ASN A 238 -12.13 33.03 7.90
N GLU A 239 -11.14 33.67 8.51
CA GLU A 239 -9.96 34.09 7.78
C GLU A 239 -9.26 32.89 7.15
N ARG A 240 -9.00 31.84 7.93
CA ARG A 240 -8.29 30.66 7.41
C ARG A 240 -9.03 29.91 6.30
N ILE A 241 -10.36 29.85 6.40
CA ILE A 241 -11.17 29.11 5.41
C ILE A 241 -11.10 29.92 4.11
N MET A 242 -11.31 31.21 4.28
CA MET A 242 -11.18 32.21 3.19
C MET A 242 -9.77 32.26 2.56
N LEU A 243 -8.73 32.30 3.38
CA LEU A 243 -7.36 32.26 2.87
C LEU A 243 -7.09 31.04 1.98
N SER A 244 -7.40 29.88 2.52
CA SER A 244 -7.31 28.62 1.81
C SER A 244 -8.03 28.64 0.47
N LEU A 245 -9.21 29.25 0.42
CA LEU A 245 -9.98 29.33 -0.84
C LEU A 245 -9.37 30.25 -1.88
N VAL A 246 -8.50 31.19 -1.46
CA VAL A 246 -7.85 32.12 -2.39
C VAL A 246 -6.39 31.80 -2.70
N SER A 247 -5.66 31.19 -1.75
CA SER A 247 -4.21 30.96 -1.93
C SER A 247 -3.73 29.90 -2.93
N THR A 248 -4.52 29.59 -3.99
CA THR A 248 -3.95 28.90 -5.14
C THR A 248 -3.97 29.79 -6.41
N GLY A 249 -3.20 29.38 -7.42
CA GLY A 249 -3.18 30.06 -8.70
C GLY A 249 -2.10 31.10 -8.92
N ASP A 250 -1.47 31.56 -7.85
CA ASP A 250 -0.52 32.69 -7.91
C ASP A 250 -1.26 33.96 -8.38
N CYS A 251 -1.85 34.63 -7.38
CA CYS A 251 -2.53 35.90 -7.53
C CYS A 251 -1.57 36.94 -6.98
N PRO A 252 -1.06 37.83 -7.85
CA PRO A 252 -0.19 38.89 -7.36
C PRO A 252 -0.82 39.89 -6.38
N PHE A 253 -2.15 40.11 -6.42
CA PHE A 253 -2.80 41.23 -5.70
C PHE A 253 -3.59 40.90 -4.44
N ILE A 254 -3.33 39.74 -3.83
CA ILE A 254 -3.89 39.35 -2.51
C ILE A 254 -2.79 38.71 -1.67
N VAL A 255 -2.87 38.98 -0.36
CA VAL A 255 -1.92 38.45 0.57
C VAL A 255 -2.33 37.01 0.84
N CYS A 256 -1.83 36.10 -0.02
CA CYS A 256 -2.07 34.63 0.07
C CYS A 256 -1.20 33.87 1.06
N MET A 257 -1.70 32.70 1.43
CA MET A 257 -1.13 31.85 2.51
C MET A 257 -0.48 30.55 1.98
N SER A 258 0.67 30.21 2.58
CA SER A 258 1.43 29.00 2.28
C SER A 258 1.27 28.02 3.40
N TYR A 259 1.25 28.49 4.64
CA TYR A 259 1.03 27.61 5.77
C TYR A 259 0.19 28.30 6.81
N ALA A 260 -0.51 27.47 7.58
CA ALA A 260 -1.04 27.85 8.87
C ALA A 260 -0.67 26.78 9.92
N PHE A 261 -0.53 27.25 11.16
CA PHE A 261 -0.07 26.43 12.27
C PHE A 261 -0.39 27.03 13.66
N HIS A 262 -0.23 26.21 14.72
CA HIS A 262 -0.54 26.58 16.11
C HIS A 262 0.70 26.45 17.02
N THR A 263 0.70 27.22 18.11
CA THR A 263 1.61 26.98 19.24
C THR A 263 0.74 26.95 20.51
N PRO A 264 1.35 26.74 21.71
CA PRO A 264 0.53 26.72 22.93
C PRO A 264 -0.47 27.89 23.11
N ASP A 265 -0.14 29.10 22.65
CA ASP A 265 -1.07 30.25 22.79
C ASP A 265 -1.16 31.19 21.58
N LYS A 266 -0.72 30.72 20.40
CA LYS A 266 -0.75 31.53 19.17
C LYS A 266 -1.31 30.77 17.93
N LEU A 267 -1.97 31.54 17.06
CA LEU A 267 -2.33 31.13 15.72
C LEU A 267 -1.42 31.89 14.76
N SER A 268 -0.74 31.16 13.88
CA SER A 268 0.21 31.77 12.96
C SER A 268 -0.12 31.40 11.54
N PHE A 269 -0.52 32.38 10.75
CA PHE A 269 -0.52 32.19 9.29
C PHE A 269 0.89 32.55 8.74
N ILE A 270 1.33 31.88 7.67
CA ILE A 270 2.52 32.28 6.92
C ILE A 270 2.03 32.80 5.59
N LEU A 271 2.18 34.11 5.38
CA LEU A 271 1.62 34.83 4.25
C LEU A 271 2.75 35.32 3.37
N ASP A 272 2.37 35.91 2.23
CA ASP A 272 3.26 36.63 1.28
C ASP A 272 3.83 37.85 2.00
N LEU A 273 5.15 38.01 2.00
CA LEU A 273 5.77 39.16 2.65
C LEU A 273 5.36 40.53 2.04
N MET A 274 4.99 41.49 2.90
CA MET A 274 4.61 42.86 2.50
C MET A 274 5.09 43.90 3.53
N ASN A 275 6.34 44.33 3.37
CA ASN A 275 7.00 45.19 4.36
C ASN A 275 7.06 46.64 3.87
N GLY A 276 5.95 47.14 3.32
CA GLY A 276 5.90 48.49 2.79
C GLY A 276 4.78 49.34 3.33
N GLY A 277 4.13 48.93 4.41
CA GLY A 277 3.07 49.74 5.02
C GLY A 277 1.77 49.65 4.25
N ASP A 278 0.71 50.25 4.79
CA ASP A 278 -0.62 50.24 4.14
C ASP A 278 -1.07 51.63 3.66
N LEU A 279 -1.98 51.64 2.69
CA LEU A 279 -2.43 52.89 2.09
C LEU A 279 -3.05 53.89 3.07
N HIS A 280 -3.60 53.46 4.22
CA HIS A 280 -4.09 54.44 5.21
C HIS A 280 -2.92 55.20 5.84
N TYR A 281 -1.85 54.49 6.19
CA TYR A 281 -0.65 55.19 6.65
C TYR A 281 -0.04 56.10 5.59
N HIS A 282 0.07 55.59 4.37
CA HIS A 282 0.60 56.37 3.24
C HIS A 282 -0.28 57.54 2.79
N LEU A 283 -1.60 57.41 2.92
CA LEU A 283 -2.51 58.55 2.71
C LEU A 283 -2.26 59.61 3.81
N SER A 284 -1.81 59.20 5.00
CA SER A 284 -1.41 60.14 6.06
C SER A 284 -0.13 60.96 5.68
N GLN A 285 0.90 60.28 5.17
CA GLN A 285 2.17 60.94 4.84
C GLN A 285 2.10 61.73 3.53
N HIS A 286 1.68 61.07 2.47
CA HIS A 286 1.62 61.64 1.12
C HIS A 286 0.47 62.63 0.96
N GLY A 287 -0.57 62.50 1.77
CA GLY A 287 -1.81 63.23 1.50
C GLY A 287 -2.48 62.54 0.32
N VAL A 288 -3.52 63.17 -0.24
CA VAL A 288 -4.29 62.57 -1.37
C VAL A 288 -3.43 62.28 -2.59
N PHE A 289 -3.93 61.41 -3.47
CA PHE A 289 -3.22 61.08 -4.68
C PHE A 289 -3.91 61.75 -5.85
N SER A 290 -3.24 61.77 -7.00
CA SER A 290 -3.86 62.21 -8.24
C SER A 290 -4.75 61.13 -8.86
N GLU A 291 -5.44 61.51 -9.93
CA GLU A 291 -6.16 60.58 -10.80
C GLU A 291 -5.23 59.52 -11.39
N ALA A 292 -4.05 59.96 -11.84
CA ALA A 292 -3.04 59.05 -12.39
C ALA A 292 -2.51 58.05 -11.35
N ASP A 293 -2.23 58.55 -10.15
CA ASP A 293 -1.70 57.74 -9.07
C ASP A 293 -2.76 56.81 -8.50
N MET A 294 -3.98 57.30 -8.28
CA MET A 294 -5.00 56.39 -7.76
C MET A 294 -5.31 55.28 -8.79
N ARG A 295 -5.27 55.62 -10.07
CA ARG A 295 -5.49 54.65 -11.16
C ARG A 295 -4.57 53.44 -11.06
N PHE A 296 -3.34 53.63 -10.62
CA PHE A 296 -2.42 52.52 -10.46
C PHE A 296 -3.01 51.56 -9.38
N TYR A 297 -3.30 52.14 -8.21
CA TYR A 297 -3.80 51.39 -7.08
C TYR A 297 -5.14 50.78 -7.43
N ALA A 298 -5.94 51.52 -8.18
CA ALA A 298 -7.20 51.00 -8.70
C ALA A 298 -6.98 49.68 -9.45
N ALA A 299 -6.19 49.69 -10.51
CA ALA A 299 -6.02 48.50 -11.32
C ALA A 299 -5.63 47.25 -10.50
N GLU A 300 -4.58 47.41 -9.72
CA GLU A 300 -4.05 46.31 -8.94
C GLU A 300 -5.12 45.83 -7.95
N ILE A 301 -5.91 46.74 -7.39
CA ILE A 301 -7.02 46.28 -6.54
C ILE A 301 -8.12 45.60 -7.35
N ILE A 302 -8.44 46.09 -8.54
CA ILE A 302 -9.53 45.50 -9.34
C ILE A 302 -9.26 44.02 -9.68
N LEU A 303 -8.02 43.72 -10.07
CA LEU A 303 -7.59 42.35 -10.37
C LEU A 303 -7.59 41.45 -9.14
N GLY A 304 -7.39 42.04 -7.97
CA GLY A 304 -7.50 41.33 -6.70
C GLY A 304 -8.92 40.89 -6.46
N LEU A 305 -9.84 41.84 -6.53
CA LEU A 305 -11.27 41.54 -6.45
C LEU A 305 -11.71 40.47 -7.49
N GLU A 306 -11.29 40.64 -8.75
CA GLU A 306 -11.63 39.70 -9.80
C GLU A 306 -11.22 38.29 -9.41
N HIS A 307 -10.10 38.14 -8.71
CA HIS A 307 -9.62 36.80 -8.32
C HIS A 307 -10.57 36.08 -7.34
N MET A 308 -11.04 36.83 -6.34
CA MET A 308 -11.96 36.33 -5.31
C MET A 308 -13.37 36.13 -5.81
N HIS A 309 -13.81 36.88 -6.81
CA HIS A 309 -15.19 36.78 -7.31
C HIS A 309 -15.34 35.61 -8.27
N ASN A 310 -14.26 35.21 -8.93
CA ASN A 310 -14.21 33.98 -9.71
C ASN A 310 -14.37 32.74 -8.84
N ARG A 311 -13.80 32.83 -7.64
CA ARG A 311 -13.94 31.84 -6.59
C ARG A 311 -15.03 32.20 -5.58
N PHE A 312 -16.01 33.02 -5.99
CA PHE A 312 -17.25 33.22 -5.20
C PHE A 312 -17.06 33.79 -3.78
N VAL A 313 -16.00 34.58 -3.59
CA VAL A 313 -15.71 35.28 -2.34
C VAL A 313 -15.95 36.78 -2.54
N VAL A 314 -16.71 37.39 -1.61
CA VAL A 314 -16.83 38.86 -1.53
C VAL A 314 -15.95 39.32 -0.41
N TYR A 315 -15.12 40.33 -0.68
CA TYR A 315 -14.20 40.85 0.31
C TYR A 315 -14.94 41.65 1.39
N ARG A 316 -15.81 42.55 0.94
CA ARG A 316 -16.60 43.45 1.80
C ARG A 316 -15.74 44.59 2.40
N ASP A 317 -14.90 44.28 3.39
CA ASP A 317 -14.14 45.31 4.16
C ASP A 317 -13.02 46.03 3.38
N LEU A 318 -13.30 46.39 2.13
CA LEU A 318 -12.36 47.10 1.27
C LEU A 318 -12.28 48.53 1.74
N LYS A 319 -11.07 48.91 2.18
CA LYS A 319 -10.74 50.28 2.56
C LYS A 319 -9.20 50.46 2.46
N PRO A 320 -8.70 51.71 2.51
CA PRO A 320 -7.27 51.93 2.28
C PRO A 320 -6.36 51.32 3.33
N ALA A 321 -6.79 51.37 4.59
CA ALA A 321 -6.10 50.67 5.68
C ALA A 321 -5.86 49.17 5.40
N ASN A 322 -6.71 48.54 4.57
CA ASN A 322 -6.55 47.13 4.17
C ASN A 322 -5.74 46.78 2.91
N ILE A 323 -5.18 47.79 2.22
CA ILE A 323 -4.37 47.56 1.03
C ILE A 323 -2.94 47.73 1.44
N LEU A 324 -2.07 46.80 1.08
CA LEU A 324 -0.67 46.81 1.52
C LEU A 324 0.29 46.94 0.37
N LEU A 325 1.57 47.19 0.70
CA LEU A 325 2.62 47.50 -0.27
C LEU A 325 3.87 46.70 -0.02
N ASP A 326 4.47 46.19 -1.11
CA ASP A 326 5.77 45.51 -1.07
C ASP A 326 6.91 46.55 -1.13
N GLU A 327 8.15 46.06 -1.09
CA GLU A 327 9.35 46.85 -1.31
C GLU A 327 9.22 47.81 -2.51
N HIS A 328 8.67 47.29 -3.61
CA HIS A 328 8.64 48.01 -4.90
C HIS A 328 7.49 49.04 -5.01
N GLY A 329 6.50 48.90 -4.12
CA GLY A 329 5.31 49.76 -4.11
C GLY A 329 4.10 49.22 -4.87
N HIS A 330 4.08 47.91 -5.13
CA HIS A 330 2.92 47.24 -5.71
C HIS A 330 2.01 46.86 -4.58
N VAL A 331 0.74 46.60 -4.87
CA VAL A 331 -0.22 46.45 -3.79
C VAL A 331 -1.01 45.13 -3.75
N ARG A 332 -1.39 44.74 -2.53
CA ARG A 332 -2.17 43.52 -2.28
C ARG A 332 -3.34 43.78 -1.35
N ILE A 333 -4.41 43.00 -1.49
CA ILE A 333 -5.56 43.05 -0.56
C ILE A 333 -5.28 42.18 0.69
N SER A 334 -5.66 42.65 1.87
CA SER A 334 -5.24 42.07 3.16
C SER A 334 -6.39 41.78 4.16
N ASP A 335 -6.22 40.75 5.01
CA ASP A 335 -7.18 40.44 6.12
C ASP A 335 -8.62 40.06 5.71
N LEU A 336 -8.85 38.78 5.49
CA LEU A 336 -10.10 38.29 4.90
C LEU A 336 -11.19 37.81 5.95
N GLY A 337 -11.08 38.27 7.21
CA GLY A 337 -12.04 37.94 8.25
C GLY A 337 -13.44 38.28 7.82
N LEU A 338 -13.68 39.55 7.53
CA LEU A 338 -15.00 40.04 7.10
C LEU A 338 -15.45 39.64 5.67
N ALA A 339 -14.62 38.94 4.90
CA ALA A 339 -15.06 38.35 3.64
C ALA A 339 -15.91 37.09 3.92
N CYS A 340 -16.71 36.65 2.95
CA CYS A 340 -17.32 35.31 3.03
C CYS A 340 -17.71 34.67 1.68
N ASP A 341 -17.78 33.33 1.70
CA ASP A 341 -18.11 32.50 0.54
C ASP A 341 -19.55 32.77 0.13
N PHE A 342 -19.82 32.87 -1.18
CA PHE A 342 -21.20 33.02 -1.70
C PHE A 342 -21.66 32.06 -2.83
N SER A 343 -20.93 30.95 -3.04
CA SER A 343 -21.38 29.91 -3.98
C SER A 343 -22.65 29.25 -3.44
N LYS A 344 -22.69 29.04 -2.13
CA LYS A 344 -23.81 28.36 -1.45
C LYS A 344 -24.95 29.33 -1.08
N LYS A 345 -24.69 30.33 -0.24
CA LYS A 345 -25.77 31.19 0.31
C LYS A 345 -25.37 32.68 0.40
N LYS A 346 -26.05 33.49 -0.41
CA LYS A 346 -25.77 34.92 -0.54
C LYS A 346 -26.09 35.59 0.79
N PRO A 347 -25.12 36.33 1.39
CA PRO A 347 -25.35 36.86 2.74
C PRO A 347 -26.20 38.11 2.72
N HIS A 348 -26.71 38.51 3.88
CA HIS A 348 -27.61 39.66 3.99
C HIS A 348 -27.27 40.71 5.07
N ALA A 349 -26.44 40.35 6.04
CA ALA A 349 -26.09 41.27 7.12
C ALA A 349 -25.34 42.48 6.57
N SER A 350 -25.31 43.55 7.35
CA SER A 350 -24.40 44.65 7.06
C SER A 350 -23.11 44.28 7.76
N VAL A 351 -22.04 44.03 7.00
CA VAL A 351 -20.70 43.74 7.58
C VAL A 351 -19.64 44.51 6.79
N GLY A 352 -18.69 45.14 7.49
CA GLY A 352 -17.68 46.01 6.87
C GLY A 352 -17.72 47.43 7.39
N THR A 353 -16.76 48.24 6.97
CA THR A 353 -16.60 49.61 7.49
C THR A 353 -17.63 50.59 6.88
N HIS A 354 -18.09 51.54 7.71
CA HIS A 354 -19.34 52.29 7.47
C HIS A 354 -19.36 53.27 6.30
N GLY A 355 -18.22 53.91 6.03
CA GLY A 355 -18.10 54.87 4.94
C GLY A 355 -18.20 54.30 3.54
N TYR A 356 -17.89 53.00 3.39
CA TYR A 356 -17.71 52.37 2.08
C TYR A 356 -18.66 51.19 1.75
N MET A 357 -19.73 50.99 2.53
CA MET A 357 -20.66 49.88 2.24
C MET A 357 -21.70 50.29 1.22
N ALA A 358 -22.19 49.29 0.50
CA ALA A 358 -23.21 49.47 -0.53
C ALA A 358 -24.60 49.59 0.09
N PRO A 359 -25.59 50.14 -0.67
CA PRO A 359 -26.97 50.24 -0.17
C PRO A 359 -27.62 48.92 0.20
N GLU A 360 -27.55 47.92 -0.67
CA GLU A 360 -28.10 46.59 -0.37
C GLU A 360 -27.40 45.84 0.78
N VAL A 361 -26.14 46.21 1.08
CA VAL A 361 -25.41 45.65 2.22
C VAL A 361 -25.98 46.19 3.54
N LEU A 362 -26.30 47.48 3.57
CA LEU A 362 -26.91 48.16 4.72
C LEU A 362 -28.40 47.88 4.93
N GLN A 363 -29.10 47.49 3.87
CA GLN A 363 -30.50 47.07 3.96
C GLN A 363 -30.58 45.69 4.61
N LYS A 364 -31.40 45.60 5.66
CA LYS A 364 -31.56 44.38 6.44
C LYS A 364 -32.58 43.48 5.76
N GLY A 365 -32.25 42.19 5.67
CA GLY A 365 -33.10 41.21 4.99
C GLY A 365 -33.00 41.21 3.46
N VAL A 366 -31.95 41.85 2.93
CA VAL A 366 -31.67 41.93 1.49
C VAL A 366 -30.36 41.20 1.14
N ALA A 367 -30.43 40.31 0.15
CA ALA A 367 -29.26 39.54 -0.30
C ALA A 367 -28.30 40.40 -1.14
N TYR A 368 -27.05 39.92 -1.28
CA TYR A 368 -26.05 40.54 -2.16
C TYR A 368 -24.92 39.57 -2.57
N ASP A 369 -24.38 39.83 -3.75
CA ASP A 369 -23.27 39.06 -4.30
C ASP A 369 -22.07 40.01 -4.45
N SER A 370 -21.24 39.80 -5.45
CA SER A 370 -20.02 40.58 -5.63
C SER A 370 -20.22 42.11 -5.73
N SER A 371 -21.45 42.58 -5.96
CA SER A 371 -21.76 44.01 -5.99
C SER A 371 -21.34 44.83 -4.76
N ALA A 372 -21.26 44.23 -3.57
CA ALA A 372 -20.83 44.98 -2.36
C ALA A 372 -19.47 45.65 -2.57
N ASP A 373 -18.54 44.91 -3.18
CA ASP A 373 -17.18 45.41 -3.39
C ASP A 373 -17.05 46.55 -4.40
N TRP A 374 -17.82 46.54 -5.49
CA TRP A 374 -17.73 47.59 -6.53
C TRP A 374 -18.20 48.99 -6.09
N PHE A 375 -19.09 49.02 -5.09
CA PHE A 375 -19.50 50.26 -4.45
C PHE A 375 -18.42 50.62 -3.43
N SER A 376 -17.93 49.62 -2.69
CA SER A 376 -16.78 49.85 -1.80
C SER A 376 -15.56 50.44 -2.53
N LEU A 377 -15.18 49.82 -3.64
CA LEU A 377 -14.12 50.30 -4.49
C LEU A 377 -14.34 51.77 -4.76
N GLY A 378 -15.47 52.11 -5.37
CA GLY A 378 -15.83 53.51 -5.65
C GLY A 378 -15.62 54.45 -4.46
N CYS A 379 -16.01 53.98 -3.27
CA CYS A 379 -15.86 54.75 -2.03
C CYS A 379 -14.39 54.91 -1.61
N MET A 380 -13.66 53.81 -1.60
CA MET A 380 -12.23 53.82 -1.30
C MET A 380 -11.44 54.69 -2.30
N LEU A 381 -11.74 54.52 -3.58
CA LEU A 381 -11.12 55.30 -4.67
C LEU A 381 -11.29 56.83 -4.56
N PHE A 382 -12.45 57.26 -4.08
CA PHE A 382 -12.74 58.66 -3.78
C PHE A 382 -11.84 59.14 -2.62
N LYS A 383 -11.83 58.37 -1.53
CA LYS A 383 -11.01 58.67 -0.36
C LYS A 383 -9.54 58.90 -0.72
N LEU A 384 -9.02 58.12 -1.66
CA LEU A 384 -7.65 58.33 -2.13
C LEU A 384 -7.50 59.70 -2.80
N LEU A 385 -8.49 60.08 -3.60
CA LEU A 385 -8.48 61.36 -4.30
C LEU A 385 -8.79 62.57 -3.40
N ARG A 386 -9.77 62.44 -2.51
CA ARG A 386 -10.28 63.58 -1.73
C ARG A 386 -10.05 63.49 -0.21
N GLY A 387 -9.42 62.42 0.27
CA GLY A 387 -9.01 62.33 1.66
C GLY A 387 -10.10 62.02 2.67
N HIS A 388 -11.35 61.83 2.22
CA HIS A 388 -12.45 61.29 3.07
C HIS A 388 -13.37 60.30 2.30
N SER A 389 -14.16 59.51 3.03
CA SER A 389 -15.23 58.68 2.42
C SER A 389 -16.26 59.62 1.81
N PRO A 390 -16.80 59.29 0.63
CA PRO A 390 -17.70 60.21 -0.09
C PRO A 390 -19.03 60.53 0.60
N PHE A 391 -19.40 59.77 1.64
CA PHE A 391 -20.62 60.05 2.39
C PHE A 391 -20.38 60.58 3.81
N ARG A 392 -19.17 60.37 4.36
CA ARG A 392 -18.71 61.02 5.61
C ARG A 392 -18.32 62.48 5.35
N GLN A 393 -19.27 63.40 5.57
CA GLN A 393 -19.14 64.78 5.02
C GLN A 393 -18.18 65.70 5.76
N HIS A 394 -18.26 65.73 7.09
CA HIS A 394 -17.51 66.68 7.92
C HIS A 394 -16.91 66.02 9.17
N LYS A 395 -16.02 65.04 8.94
CA LYS A 395 -15.41 64.23 10.02
C LYS A 395 -16.40 63.50 10.94
N THR A 396 -17.65 63.38 10.50
CA THR A 396 -18.76 63.07 11.39
C THR A 396 -18.75 61.59 11.82
N LYS A 397 -18.54 61.34 13.12
CA LYS A 397 -18.60 59.97 13.68
C LYS A 397 -20.01 59.37 13.69
N ASP A 398 -21.04 60.22 13.57
CA ASP A 398 -22.43 59.80 13.41
C ASP A 398 -22.50 58.86 12.21
N LYS A 399 -22.45 57.55 12.50
CA LYS A 399 -22.49 56.51 11.46
C LYS A 399 -23.83 56.43 10.72
N HIS A 400 -24.93 56.78 11.41
CA HIS A 400 -26.30 56.72 10.83
C HIS A 400 -26.64 57.97 9.99
N GLU A 401 -25.73 58.95 9.94
CA GLU A 401 -25.75 60.05 8.93
C GLU A 401 -24.97 59.65 7.67
N ILE A 402 -23.83 58.99 7.84
CA ILE A 402 -23.08 58.40 6.71
C ILE A 402 -23.96 57.34 6.01
N ASP A 403 -24.80 56.64 6.76
CA ASP A 403 -25.69 55.63 6.18
C ASP A 403 -26.92 56.24 5.44
N ARG A 404 -27.45 57.38 5.89
CA ARG A 404 -28.58 58.03 5.20
C ARG A 404 -28.20 58.88 3.98
N MET A 405 -26.99 59.45 4.00
CA MET A 405 -26.40 60.07 2.81
C MET A 405 -26.11 59.01 1.71
N THR A 406 -25.58 57.84 2.10
CA THR A 406 -25.32 56.71 1.18
C THR A 406 -26.59 56.26 0.42
N LEU A 407 -27.70 56.22 1.15
CA LEU A 407 -28.98 55.73 0.64
C LEU A 407 -29.80 56.79 -0.13
N THR A 408 -29.90 58.01 0.40
CA THR A 408 -30.64 59.10 -0.28
C THR A 408 -29.76 59.90 -1.28
N MET A 409 -28.58 60.35 -0.85
CA MET A 409 -27.67 61.16 -1.71
C MET A 409 -26.93 60.29 -2.75
N ALA A 410 -26.99 60.72 -4.02
CA ALA A 410 -26.02 60.35 -5.03
C ALA A 410 -24.96 61.45 -4.94
N VAL A 411 -23.81 61.12 -4.36
CA VAL A 411 -22.76 62.11 -4.05
C VAL A 411 -22.41 63.03 -5.22
N GLU A 412 -22.27 64.32 -4.94
CA GLU A 412 -21.81 65.27 -5.95
C GLU A 412 -20.29 65.20 -6.05
N LEU A 413 -19.81 65.25 -7.29
CA LEU A 413 -18.39 65.09 -7.62
C LEU A 413 -17.81 66.44 -8.04
N PRO A 414 -16.70 66.87 -7.41
CA PRO A 414 -16.05 68.15 -7.81
C PRO A 414 -15.75 68.29 -9.32
N ASP A 415 -15.66 69.53 -9.79
CA ASP A 415 -15.35 69.83 -11.21
C ASP A 415 -13.92 69.42 -11.59
N SER A 416 -12.99 69.54 -10.64
CA SER A 416 -11.60 69.08 -10.78
C SER A 416 -11.53 67.70 -11.46
N PHE A 417 -12.27 66.75 -10.89
CA PHE A 417 -12.42 65.36 -11.39
C PHE A 417 -12.66 65.35 -12.89
N SER A 418 -11.96 64.48 -13.63
CA SER A 418 -12.13 64.40 -15.10
C SER A 418 -13.50 63.78 -15.45
N PRO A 419 -13.99 64.00 -16.69
CA PRO A 419 -15.24 63.34 -17.06
C PRO A 419 -15.05 61.83 -17.23
N GLU A 420 -13.82 61.41 -17.56
CA GLU A 420 -13.46 60.00 -17.54
C GLU A 420 -13.49 59.44 -16.12
N LEU A 421 -13.04 60.22 -15.13
CA LEU A 421 -13.14 59.79 -13.71
C LEU A 421 -14.57 59.75 -13.18
N ARG A 422 -15.43 60.63 -13.71
CA ARG A 422 -16.81 60.75 -13.21
C ARG A 422 -17.68 59.57 -13.60
N SER A 423 -17.69 59.24 -14.89
CA SER A 423 -18.44 58.09 -15.40
C SER A 423 -18.06 56.76 -14.72
N LEU A 424 -16.82 56.67 -14.24
CA LEU A 424 -16.38 55.54 -13.42
C LEU A 424 -17.02 55.67 -12.05
N LEU A 425 -16.69 56.71 -11.31
CA LEU A 425 -17.16 56.86 -9.93
C LEU A 425 -18.68 56.88 -9.84
N GLU A 426 -19.34 57.41 -10.86
CA GLU A 426 -20.82 57.39 -10.94
C GLU A 426 -21.31 55.96 -11.19
N GLY A 427 -20.77 55.30 -12.21
CA GLY A 427 -21.07 53.89 -12.47
C GLY A 427 -20.91 53.00 -11.24
N LEU A 428 -19.79 53.15 -10.53
CA LEU A 428 -19.47 52.35 -9.34
C LEU A 428 -20.33 52.67 -8.13
N LEU A 429 -20.86 53.89 -8.08
CA LEU A 429 -21.65 54.34 -6.93
C LEU A 429 -23.14 54.53 -7.24
N GLN A 430 -23.65 53.76 -8.22
CA GLN A 430 -25.09 53.65 -8.44
C GLN A 430 -25.70 52.98 -7.21
N ARG A 431 -26.86 53.47 -6.80
CA ARG A 431 -27.52 52.96 -5.60
C ARG A 431 -28.23 51.60 -5.85
N ASP A 432 -28.79 51.45 -7.05
CA ASP A 432 -29.35 50.18 -7.49
C ASP A 432 -28.23 49.20 -7.87
N VAL A 433 -28.35 47.96 -7.40
CA VAL A 433 -27.48 46.89 -7.87
C VAL A 433 -27.68 46.67 -9.38
N ASN A 434 -28.88 46.93 -9.86
CA ASN A 434 -29.26 46.71 -11.27
C ASN A 434 -28.64 47.73 -12.22
N ARG A 435 -28.06 48.81 -11.67
CA ARG A 435 -27.38 49.85 -12.47
C ARG A 435 -25.87 50.00 -12.23
N ARG A 436 -25.30 49.24 -11.28
CA ARG A 436 -23.91 49.46 -10.85
C ARG A 436 -22.88 48.78 -11.77
N LEU A 437 -21.68 49.36 -11.85
CA LEU A 437 -20.63 48.82 -12.70
C LEU A 437 -20.09 47.54 -12.08
N GLY A 438 -19.91 46.53 -12.94
CA GLY A 438 -19.51 45.18 -12.52
C GLY A 438 -20.65 44.30 -12.07
N CYS A 439 -21.88 44.81 -12.13
CA CYS A 439 -23.08 44.03 -11.74
C CYS A 439 -23.95 43.56 -12.92
N LEU A 440 -23.85 44.25 -14.07
CA LEU A 440 -24.67 43.98 -15.26
C LEU A 440 -24.33 42.66 -15.95
N GLY A 441 -23.35 41.91 -15.44
CA GLY A 441 -23.19 40.50 -15.82
C GLY A 441 -21.80 40.06 -16.21
N ARG A 442 -20.95 41.00 -16.66
CA ARG A 442 -19.58 40.66 -17.03
C ARG A 442 -18.52 40.95 -15.93
N GLY A 443 -18.94 41.42 -14.76
CA GLY A 443 -18.04 41.49 -13.60
C GLY A 443 -16.97 42.57 -13.74
N ALA A 444 -15.77 42.25 -13.26
CA ALA A 444 -14.62 43.17 -13.33
C ALA A 444 -14.46 43.72 -14.74
N GLN A 445 -14.71 42.88 -15.74
CA GLN A 445 -14.60 43.28 -17.14
C GLN A 445 -15.36 44.57 -17.51
N GLU A 446 -16.49 44.81 -16.85
CA GLU A 446 -17.23 46.09 -17.02
C GLU A 446 -16.51 47.29 -16.38
N VAL A 447 -15.78 47.03 -15.31
CA VAL A 447 -14.96 48.04 -14.65
C VAL A 447 -13.71 48.30 -15.47
N LYS A 448 -13.04 47.23 -15.91
CA LYS A 448 -11.84 47.38 -16.73
C LYS A 448 -12.11 48.21 -18.01
N GLU A 449 -13.27 47.97 -18.62
CA GLU A 449 -13.71 48.70 -19.83
C GLU A 449 -14.13 50.16 -19.63
N SER A 450 -14.17 50.66 -18.40
CA SER A 450 -14.49 52.06 -18.13
C SER A 450 -13.55 52.94 -18.96
N PRO A 451 -14.00 54.18 -19.37
CA PRO A 451 -13.09 55.16 -20.03
C PRO A 451 -11.91 55.64 -19.15
N PHE A 452 -12.11 55.71 -17.83
CA PHE A 452 -11.04 56.00 -16.87
C PHE A 452 -9.82 55.11 -17.03
N PHE A 453 -9.99 53.87 -17.46
CA PHE A 453 -8.88 52.94 -17.56
C PHE A 453 -8.46 52.70 -18.99
N ARG A 454 -8.88 53.57 -19.90
CA ARG A 454 -8.68 53.31 -21.32
C ARG A 454 -7.20 53.29 -21.76
N SER A 455 -6.35 53.99 -21.03
CA SER A 455 -4.90 53.96 -21.28
C SER A 455 -4.23 52.60 -20.93
N LEU A 456 -4.83 51.84 -20.02
CA LEU A 456 -4.18 50.67 -19.44
C LEU A 456 -4.25 49.41 -20.32
N ASP A 457 -3.12 48.71 -20.42
CA ASP A 457 -3.06 47.31 -20.81
C ASP A 457 -3.14 46.42 -19.55
N TRP A 458 -4.28 45.74 -19.35
CA TRP A 458 -4.52 44.96 -18.10
C TRP A 458 -3.62 43.75 -17.90
N GLN A 459 -3.15 43.19 -19.00
CA GLN A 459 -2.05 42.22 -19.01
C GLN A 459 -0.80 42.76 -18.26
N MET A 460 -0.42 44.01 -18.54
CA MET A 460 0.76 44.63 -17.91
C MET A 460 0.53 45.04 -16.45
N VAL A 461 -0.72 45.28 -16.09
CA VAL A 461 -1.11 45.41 -14.67
C VAL A 461 -0.87 44.10 -13.98
N PHE A 462 -1.33 43.03 -14.62
CA PHE A 462 -1.26 41.70 -14.01
C PHE A 462 0.19 41.25 -13.83
N LEU A 463 1.04 41.60 -14.79
CA LEU A 463 2.45 41.25 -14.74
C LEU A 463 3.23 42.20 -13.87
N GLN A 464 2.53 43.16 -13.26
CA GLN A 464 3.10 44.20 -12.43
C GLN A 464 4.18 45.01 -13.15
N LYS A 465 3.82 45.52 -14.31
CA LYS A 465 4.79 46.19 -15.13
C LYS A 465 4.71 47.74 -14.98
N TYR A 466 3.53 48.27 -14.68
CA TYR A 466 3.35 49.70 -14.44
C TYR A 466 4.11 50.19 -13.19
N PRO A 467 4.80 51.35 -13.29
CA PRO A 467 5.63 51.92 -12.25
C PRO A 467 4.77 52.47 -11.10
N PRO A 468 5.06 51.96 -9.88
CA PRO A 468 4.28 52.39 -8.73
C PRO A 468 4.55 53.83 -8.34
N PRO A 469 3.55 54.52 -7.78
CA PRO A 469 3.78 55.88 -7.27
C PRO A 469 4.74 55.95 -6.08
N LEU A 470 4.28 55.51 -4.92
CA LEU A 470 5.02 55.62 -3.70
C LEU A 470 5.81 54.33 -3.50
N ILE A 471 7.13 54.43 -3.62
CA ILE A 471 8.05 53.40 -3.16
C ILE A 471 8.30 53.70 -1.69
N PRO A 472 8.09 52.72 -0.77
CA PRO A 472 8.28 53.05 0.65
C PRO A 472 9.74 53.41 1.02
N PRO A 473 9.94 54.40 1.93
CA PRO A 473 11.26 54.70 2.49
C PRO A 473 11.90 53.52 3.18
N ARG A 474 13.20 53.34 3.01
CA ARG A 474 13.86 52.11 3.48
C ARG A 474 13.94 52.01 5.01
N GLY A 475 13.42 50.88 5.52
CA GLY A 475 13.35 50.59 6.97
C GLY A 475 12.57 51.62 7.76
N GLU A 476 11.31 51.84 7.37
CA GLU A 476 10.46 52.85 8.02
C GLU A 476 9.76 52.31 9.27
N VAL A 477 9.73 53.11 10.34
CA VAL A 477 9.10 52.74 11.61
C VAL A 477 7.59 53.05 11.59
N ASN A 478 6.78 52.14 12.13
CA ASN A 478 5.29 52.22 12.12
C ASN A 478 4.69 52.42 10.70
N ALA A 479 4.69 51.35 9.91
CA ALA A 479 4.29 51.37 8.50
C ALA A 479 2.82 50.97 8.31
N ALA A 480 2.44 49.81 8.85
CA ALA A 480 1.10 49.26 8.64
C ALA A 480 0.41 48.92 9.97
N ASP A 481 0.19 49.95 10.78
CA ASP A 481 -0.51 49.78 12.07
C ASP A 481 -2.01 50.15 11.92
N ALA A 482 -2.77 49.96 12.99
CA ALA A 482 -4.24 50.16 12.99
C ALA A 482 -4.65 51.34 13.86
N PHE A 483 -5.95 51.67 13.82
CA PHE A 483 -6.49 52.80 14.60
C PHE A 483 -7.01 52.37 15.99
N ASP A 484 -6.34 51.37 16.61
CA ASP A 484 -6.62 50.96 18.00
C ASP A 484 -5.66 51.65 18.96
N ILE A 496 -7.88 36.39 32.18
CA ILE A 496 -8.74 35.33 31.63
C ILE A 496 -7.89 34.30 30.86
N LYS A 497 -8.30 33.03 30.95
CA LYS A 497 -7.54 31.88 30.44
C LYS A 497 -8.40 31.05 29.47
N LEU A 498 -7.83 29.98 28.92
CA LEU A 498 -8.51 29.12 27.95
C LEU A 498 -8.37 27.61 28.23
N LEU A 499 -9.50 26.91 28.34
CA LEU A 499 -9.51 25.46 28.59
C LEU A 499 -9.19 24.68 27.31
N ASP A 500 -9.12 23.35 27.44
CA ASP A 500 -9.23 22.43 26.30
C ASP A 500 -10.38 22.83 25.38
N SER A 501 -11.54 23.17 26.00
CA SER A 501 -12.77 23.56 25.28
C SER A 501 -12.58 24.67 24.25
N ASP A 502 -11.62 25.55 24.49
CA ASP A 502 -11.23 26.58 23.52
C ASP A 502 -10.36 26.01 22.38
N GLN A 503 -9.31 25.26 22.72
CA GLN A 503 -8.34 24.75 21.72
C GLN A 503 -8.87 23.62 20.83
N GLU A 504 -10.06 23.12 21.15
CA GLU A 504 -10.82 22.21 20.26
C GLU A 504 -11.37 22.94 19.01
N LEU A 505 -11.46 24.28 19.05
CA LEU A 505 -11.72 25.10 17.85
C LEU A 505 -10.58 25.02 16.85
N TYR A 506 -9.37 25.09 17.38
CA TYR A 506 -8.15 25.25 16.58
C TYR A 506 -7.40 23.95 16.23
N ARG A 507 -8.04 22.78 16.38
CA ARG A 507 -7.34 21.53 16.15
C ARG A 507 -7.35 21.13 14.71
N ASN A 508 -8.24 21.72 13.91
CA ASN A 508 -8.19 21.62 12.44
C ASN A 508 -7.76 22.92 11.82
N PHE A 509 -6.72 23.49 12.39
CA PHE A 509 -6.15 24.71 11.91
C PHE A 509 -4.93 24.43 11.04
N PRO A 510 -3.94 23.64 11.55
CA PRO A 510 -2.73 23.53 10.73
C PRO A 510 -2.99 23.08 9.30
N LEU A 511 -2.46 23.83 8.35
CA LEU A 511 -2.58 23.49 6.95
C LEU A 511 -1.27 23.76 6.24
N THR A 512 -1.14 23.12 5.08
CA THR A 512 -0.03 23.35 4.18
C THR A 512 -0.53 23.27 2.75
N ILE A 513 -0.40 24.38 2.04
CA ILE A 513 -0.94 24.48 0.70
C ILE A 513 0.08 23.81 -0.19
N SER A 514 -0.38 22.81 -0.94
CA SER A 514 0.56 21.94 -1.65
C SER A 514 1.27 22.70 -2.72
N GLU A 515 0.47 23.38 -3.53
CA GLU A 515 0.93 24.20 -4.66
C GLU A 515 2.01 25.16 -4.24
N ARG A 516 1.85 25.78 -3.06
CA ARG A 516 2.81 26.79 -2.56
C ARG A 516 4.10 26.18 -2.02
N TRP A 517 3.99 25.20 -1.14
CA TRP A 517 5.18 24.47 -0.70
C TRP A 517 6.00 23.94 -1.89
N GLN A 518 5.34 23.41 -2.90
CA GLN A 518 6.05 22.85 -4.06
C GLN A 518 6.74 23.89 -4.88
N GLN A 519 6.16 25.10 -4.90
CA GLN A 519 6.77 26.28 -5.55
C GLN A 519 8.05 26.74 -4.82
N GLU A 520 7.90 27.02 -3.53
CA GLU A 520 9.01 27.41 -2.66
C GLU A 520 10.22 26.51 -2.84
N VAL A 521 9.98 25.20 -2.83
CA VAL A 521 11.04 24.19 -2.96
C VAL A 521 11.68 24.34 -4.35
N ALA A 522 10.84 24.31 -5.38
CA ALA A 522 11.25 24.40 -6.77
C ALA A 522 12.18 25.55 -7.09
N GLU A 523 11.98 26.68 -6.40
CA GLU A 523 12.72 27.93 -6.65
C GLU A 523 13.87 28.21 -5.68
N THR A 524 14.21 27.27 -4.81
CA THR A 524 15.32 27.41 -3.86
C THR A 524 16.24 26.18 -3.96
N VAL A 525 15.84 25.09 -3.30
CA VAL A 525 16.75 23.97 -2.95
C VAL A 525 16.63 22.73 -3.82
N PHE A 526 15.42 22.49 -4.33
CA PHE A 526 15.09 21.35 -5.21
C PHE A 526 16.23 20.79 -6.09
N ASP A 527 16.86 21.66 -6.85
CA ASP A 527 17.91 21.27 -7.78
C ASP A 527 19.12 20.73 -7.03
N THR A 528 19.63 21.49 -6.05
CA THR A 528 20.88 21.15 -5.39
C THR A 528 20.72 19.97 -4.47
N ILE A 529 19.54 19.84 -3.85
CA ILE A 529 19.21 18.68 -3.03
C ILE A 529 19.05 17.41 -3.90
N ASN A 530 18.41 17.53 -5.08
CA ASN A 530 18.36 16.41 -6.01
C ASN A 530 19.73 15.96 -6.48
N ALA A 531 20.69 16.89 -6.53
CA ALA A 531 22.08 16.56 -6.91
C ALA A 531 22.88 16.05 -5.71
N GLU A 532 22.59 16.57 -4.51
CA GLU A 532 23.22 16.09 -3.25
C GLU A 532 22.77 14.68 -2.96
N THR A 533 21.45 14.48 -2.97
CA THR A 533 20.84 13.17 -2.74
C THR A 533 21.27 12.14 -3.81
N ASP A 534 21.49 12.60 -5.04
CA ASP A 534 22.00 11.73 -6.11
C ASP A 534 23.40 11.17 -5.83
N ARG A 535 24.35 12.05 -5.47
CA ARG A 535 25.73 11.64 -5.10
C ARG A 535 25.73 10.73 -3.88
N LEU A 536 24.82 11.02 -2.96
CA LEU A 536 24.69 10.27 -1.72
C LEU A 536 24.17 8.83 -1.91
N GLU A 537 23.18 8.66 -2.79
CA GLU A 537 22.64 7.35 -3.15
C GLU A 537 23.53 6.54 -4.11
N ALA A 538 24.51 7.18 -4.76
CA ALA A 538 25.49 6.46 -5.60
C ALA A 538 26.76 6.06 -4.82
N ARG A 539 27.07 6.78 -3.72
CA ARG A 539 28.14 6.36 -2.80
C ARG A 539 27.73 5.16 -1.93
N LYS A 540 26.48 5.13 -1.45
CA LYS A 540 25.91 3.93 -0.76
C LYS A 540 25.72 2.72 -1.68
N LYS A 541 25.46 2.96 -2.97
CA LYS A 541 25.50 1.89 -3.99
C LYS A 541 26.90 1.23 -4.08
N THR A 542 27.93 2.04 -4.32
CA THR A 542 29.32 1.55 -4.39
C THR A 542 29.76 0.91 -3.07
N LYS A 543 29.22 1.38 -1.94
CA LYS A 543 29.48 0.75 -0.63
C LYS A 543 28.78 -0.62 -0.46
N ASN A 544 27.47 -0.66 -0.70
CA ASN A 544 26.67 -1.90 -0.51
C ASN A 544 26.99 -2.98 -1.54
N LYS A 545 27.58 -2.60 -2.68
CA LYS A 545 28.15 -3.54 -3.64
C LYS A 545 29.46 -4.16 -3.11
N GLN A 546 30.32 -3.33 -2.54
CA GLN A 546 31.63 -3.77 -2.03
C GLN A 546 31.56 -4.72 -0.81
N LEU A 547 30.63 -4.44 0.10
CA LEU A 547 30.40 -5.25 1.30
C LEU A 547 29.59 -6.52 1.04
N GLY A 548 29.06 -6.70 -0.18
CA GLY A 548 28.35 -7.93 -0.57
C GLY A 548 26.84 -7.73 -0.72
N HIS A 549 26.23 -7.08 0.28
CA HIS A 549 24.77 -6.87 0.34
C HIS A 549 24.22 -6.07 -0.86
N GLU A 550 24.02 -6.77 -1.98
CA GLU A 550 23.48 -6.17 -3.22
C GLU A 550 22.05 -6.64 -3.49
N GLU A 551 21.86 -7.96 -3.60
CA GLU A 551 20.53 -8.62 -3.76
C GLU A 551 19.49 -8.12 -2.73
N ASP A 552 18.27 -7.87 -3.20
CA ASP A 552 17.23 -7.27 -2.38
C ASP A 552 16.25 -8.36 -1.99
N TYR A 553 15.95 -8.41 -0.70
CA TYR A 553 15.21 -9.51 -0.11
C TYR A 553 13.74 -9.52 -0.51
N ALA A 554 13.18 -8.39 -0.98
CA ALA A 554 11.76 -8.36 -1.31
C ALA A 554 11.44 -8.95 -2.68
N LEU A 555 12.42 -9.19 -3.53
CA LEU A 555 12.10 -9.49 -4.94
C LEU A 555 11.82 -10.95 -5.19
N GLY A 556 11.14 -11.25 -6.29
CA GLY A 556 10.83 -12.62 -6.71
C GLY A 556 9.94 -13.41 -5.75
N LYS A 557 9.27 -12.70 -4.85
CA LYS A 557 8.58 -13.31 -3.71
C LYS A 557 7.14 -12.82 -3.78
N ASP A 558 6.42 -12.79 -2.65
CA ASP A 558 5.09 -12.21 -2.59
C ASP A 558 4.99 -11.18 -1.50
N CYS A 559 6.08 -10.41 -1.32
CA CYS A 559 6.10 -9.35 -0.30
C CYS A 559 5.08 -8.24 -0.63
N ILE A 560 4.24 -7.92 0.35
CA ILE A 560 3.22 -6.87 0.22
C ILE A 560 3.84 -5.47 0.25
N MET A 561 4.61 -5.19 1.31
CA MET A 561 5.18 -3.87 1.61
C MET A 561 6.39 -4.01 2.54
N HIS A 562 7.36 -3.12 2.42
CA HIS A 562 8.56 -3.18 3.25
C HIS A 562 9.14 -1.77 3.46
N GLY A 563 9.64 -1.50 4.66
CA GLY A 563 10.23 -0.21 4.99
C GLY A 563 10.86 -0.20 6.37
N TYR A 564 11.46 0.92 6.76
CA TYR A 564 12.03 1.07 8.10
C TYR A 564 10.87 1.37 9.09
N MET A 565 10.94 0.75 10.29
CA MET A 565 10.18 1.16 11.51
C MET A 565 11.04 0.83 12.72
N SER A 566 10.53 1.15 13.91
CA SER A 566 11.25 0.84 15.16
C SER A 566 10.33 0.20 16.20
N LYS A 567 10.90 -0.71 17.02
CA LYS A 567 10.15 -1.51 17.98
C LYS A 567 10.77 -1.48 19.38
N MET A 568 9.92 -1.37 20.41
CA MET A 568 10.35 -1.53 21.82
C MET A 568 9.72 -2.80 22.43
N TRP A 576 13.39 1.79 21.94
CA TRP A 576 13.21 1.80 20.48
C TRP A 576 14.46 1.34 19.72
N GLN A 577 14.27 0.30 18.92
CA GLN A 577 15.33 -0.32 18.12
C GLN A 577 14.88 -0.30 16.65
N ARG A 578 15.67 0.36 15.80
CA ARG A 578 15.30 0.62 14.40
C ARG A 578 15.75 -0.55 13.50
N ARG A 579 14.80 -1.07 12.75
CA ARG A 579 15.03 -2.25 11.96
C ARG A 579 14.38 -2.00 10.63
N TYR A 580 14.71 -2.87 9.67
CA TYR A 580 14.01 -2.92 8.40
C TYR A 580 12.98 -4.05 8.39
N PHE A 581 11.78 -3.77 7.89
CA PHE A 581 10.66 -4.69 7.92
C PHE A 581 10.28 -5.19 6.54
N TYR A 582 9.75 -6.40 6.47
CA TYR A 582 9.11 -6.94 5.26
C TYR A 582 7.76 -7.58 5.65
N LEU A 583 6.70 -7.25 4.93
CA LEU A 583 5.35 -7.68 5.26
C LEU A 583 4.86 -8.57 4.17
N PHE A 584 4.70 -9.83 4.53
CA PHE A 584 4.21 -10.87 3.64
C PHE A 584 2.74 -11.22 3.94
N PRO A 585 2.08 -11.95 3.02
CA PRO A 585 0.66 -12.27 3.26
C PRO A 585 0.32 -12.95 4.61
N ASN A 586 1.32 -13.65 5.19
CA ASN A 586 1.16 -14.48 6.41
C ASN A 586 2.18 -14.18 7.54
N ARG A 587 2.90 -13.06 7.48
CA ARG A 587 3.92 -12.76 8.50
C ARG A 587 4.52 -11.37 8.31
N LEU A 588 5.12 -10.86 9.39
CA LEU A 588 5.91 -9.65 9.37
C LEU A 588 7.32 -9.99 9.82
N GLU A 589 8.23 -10.24 8.89
CA GLU A 589 9.66 -10.41 9.22
C GLU A 589 10.31 -9.03 9.56
N TRP A 590 11.53 -9.05 10.12
CA TRP A 590 12.42 -7.86 10.18
C TRP A 590 13.90 -8.21 10.35
N ARG A 591 14.79 -7.31 9.93
CA ARG A 591 16.24 -7.49 10.07
C ARG A 591 16.98 -6.26 10.63
N GLY A 592 18.19 -6.48 11.17
CA GLY A 592 19.20 -5.42 11.39
C GLY A 592 20.01 -5.26 10.11
N GLU A 593 20.94 -4.30 10.07
CA GLU A 593 21.67 -4.01 8.82
C GLU A 593 22.76 -5.09 8.62
N GLY A 594 22.89 -5.60 7.39
CA GLY A 594 23.98 -6.52 7.02
C GLY A 594 23.80 -8.01 7.30
N GLU A 595 22.55 -8.40 7.49
CA GLU A 595 22.14 -9.80 7.72
C GLU A 595 20.92 -10.06 6.83
N ALA A 596 20.32 -11.23 6.96
CA ALA A 596 18.94 -11.48 6.49
C ALA A 596 18.04 -11.48 7.73
N PRO A 597 16.72 -11.33 7.55
CA PRO A 597 15.86 -11.42 8.75
C PRO A 597 15.94 -12.77 9.46
N GLN A 598 16.06 -12.70 10.79
CA GLN A 598 16.18 -13.84 11.70
C GLN A 598 15.04 -13.82 12.75
N SER A 599 13.98 -13.07 12.44
CA SER A 599 12.91 -12.73 13.39
C SER A 599 11.62 -12.42 12.65
N LEU A 600 10.47 -12.62 13.31
CA LEU A 600 9.16 -12.30 12.71
C LEU A 600 8.00 -12.29 13.68
N LEU A 601 6.84 -11.94 13.15
CA LEU A 601 5.56 -12.26 13.75
C LEU A 601 4.71 -12.82 12.63
N THR A 602 3.75 -13.63 13.01
CA THR A 602 2.83 -14.16 12.04
C THR A 602 1.57 -13.34 12.06
N MET A 603 0.92 -13.30 10.91
CA MET A 603 -0.40 -12.74 10.82
C MET A 603 -1.43 -13.51 11.66
N GLU A 604 -1.27 -14.84 11.79
CA GLU A 604 -2.09 -15.65 12.75
C GLU A 604 -2.09 -15.09 14.16
N GLU A 605 -0.89 -14.87 14.70
CA GLU A 605 -0.75 -14.48 16.11
C GLU A 605 -1.12 -13.02 16.42
N ILE A 606 -1.26 -12.16 15.41
CA ILE A 606 -1.69 -10.75 15.64
C ILE A 606 -3.19 -10.77 15.93
N GLN A 607 -3.61 -10.13 17.02
CA GLN A 607 -5.00 -10.18 17.47
C GLN A 607 -5.75 -8.92 17.12
N SER A 608 -5.14 -7.77 17.34
CA SER A 608 -5.65 -6.53 16.76
C SER A 608 -4.52 -5.52 16.59
N VAL A 609 -4.73 -4.58 15.67
CA VAL A 609 -3.80 -3.46 15.44
C VAL A 609 -4.51 -2.13 15.75
N GLU A 610 -4.11 -1.53 16.88
CA GLU A 610 -4.69 -0.27 17.37
C GLU A 610 -3.68 0.87 17.31
N GLU A 611 -4.19 2.08 17.51
CA GLU A 611 -3.40 3.30 17.50
C GLU A 611 -3.33 3.85 18.91
N THR A 612 -2.12 3.88 19.48
CA THR A 612 -1.91 4.41 20.83
C THR A 612 -0.86 5.50 20.81
N GLN A 613 -0.75 6.20 21.94
CA GLN A 613 0.14 7.35 22.06
C GLN A 613 1.21 7.12 23.11
N ILE A 614 2.47 7.33 22.73
CA ILE A 614 3.64 7.09 23.58
C ILE A 614 4.62 8.29 23.50
N LYS A 615 4.82 8.96 24.63
CA LYS A 615 5.80 10.05 24.80
C LYS A 615 5.60 11.18 23.80
N GLU A 616 4.39 11.74 23.84
CA GLU A 616 3.89 12.78 22.92
C GLU A 616 4.05 12.47 21.42
N ARG A 617 3.85 11.19 21.06
CA ARG A 617 3.93 10.73 19.65
C ARG A 617 2.98 9.56 19.39
N LYS A 618 2.48 9.49 18.15
CA LYS A 618 1.47 8.50 17.73
C LYS A 618 2.14 7.19 17.26
N CYS A 619 1.64 6.05 17.77
CA CYS A 619 2.23 4.72 17.51
C CYS A 619 1.19 3.64 17.20
N LEU A 620 1.65 2.55 16.59
CA LEU A 620 0.83 1.36 16.37
C LEU A 620 0.96 0.41 17.56
N LEU A 621 -0.14 -0.27 17.89
CA LEU A 621 -0.23 -1.20 19.03
C LEU A 621 -0.78 -2.57 18.60
N LEU A 622 0.11 -3.54 18.37
CA LEU A 622 -0.33 -4.91 18.03
C LEU A 622 -0.49 -5.73 19.31
N LYS A 623 -1.71 -6.14 19.60
CA LYS A 623 -1.93 -7.16 20.63
C LYS A 623 -1.73 -8.55 20.01
N ILE A 624 -0.86 -9.34 20.65
CA ILE A 624 -0.48 -10.67 20.16
C ILE A 624 -1.21 -11.76 20.97
N ARG A 625 -1.49 -12.88 20.30
CA ARG A 625 -2.09 -14.09 20.88
C ARG A 625 -1.28 -14.54 22.07
N GLY A 626 -1.96 -14.80 23.18
CA GLY A 626 -1.30 -15.06 24.46
C GLY A 626 -0.90 -13.77 25.16
N GLY A 627 -1.72 -12.73 24.99
CA GLY A 627 -1.60 -11.49 25.76
C GLY A 627 -0.42 -10.55 25.56
N LYS A 628 0.57 -10.92 24.74
CA LYS A 628 1.80 -10.11 24.60
C LYS A 628 1.58 -8.93 23.66
N GLN A 629 2.39 -7.88 23.81
CA GLN A 629 2.19 -6.62 23.06
C GLN A 629 3.39 -6.27 22.17
N PHE A 630 3.09 -5.69 21.01
CA PHE A 630 4.11 -5.20 20.07
C PHE A 630 3.84 -3.72 19.78
N VAL A 631 4.87 -2.88 19.89
CA VAL A 631 4.72 -1.45 19.58
C VAL A 631 5.71 -0.96 18.52
N LEU A 632 5.16 -0.32 17.49
CA LEU A 632 5.92 0.17 16.33
C LEU A 632 5.84 1.69 16.23
N GLN A 633 6.99 2.33 15.98
CA GLN A 633 7.07 3.77 15.80
C GLN A 633 7.52 4.10 14.38
N CYS A 634 6.91 5.12 13.77
CA CYS A 634 7.08 5.41 12.35
C CYS A 634 7.73 6.76 12.07
N ASP A 635 8.42 6.84 10.94
CA ASP A 635 9.22 8.02 10.63
C ASP A 635 8.38 9.15 10.01
N SER A 636 7.12 8.86 9.66
CA SER A 636 6.28 9.89 9.02
C SER A 636 4.77 9.54 9.06
N ASP A 637 3.93 10.57 9.03
CA ASP A 637 2.47 10.43 9.12
C ASP A 637 1.87 9.54 8.05
N PRO A 638 2.38 9.60 6.80
CA PRO A 638 1.87 8.70 5.76
C PRO A 638 2.26 7.26 5.99
N GLU A 639 3.52 7.01 6.37
CA GLU A 639 4.01 5.66 6.68
C GLU A 639 3.12 5.02 7.76
N LEU A 640 2.93 5.74 8.88
CA LEU A 640 2.07 5.26 9.99
C LEU A 640 0.67 4.87 9.52
N VAL A 641 0.04 5.73 8.73
CA VAL A 641 -1.29 5.48 8.15
C VAL A 641 -1.35 4.15 7.39
N GLN A 642 -0.39 3.97 6.48
CA GLN A 642 -0.39 2.86 5.52
C GLN A 642 0.03 1.52 6.13
N TRP A 643 1.02 1.55 7.04
CA TRP A 643 1.35 0.35 7.81
C TRP A 643 0.11 -0.11 8.53
N LYS A 644 -0.43 0.74 9.39
CA LYS A 644 -1.68 0.44 10.08
C LYS A 644 -2.74 -0.15 9.13
N LYS A 645 -2.95 0.45 7.96
CA LYS A 645 -3.89 -0.11 6.98
C LYS A 645 -3.48 -1.53 6.59
N GLU A 646 -2.26 -1.65 6.05
CA GLU A 646 -1.84 -2.84 5.33
C GLU A 646 -1.64 -4.04 6.26
N LEU A 647 -1.33 -3.76 7.53
CA LEU A 647 -1.25 -4.80 8.57
C LEU A 647 -2.63 -5.38 8.88
N ARG A 648 -3.59 -4.51 9.08
CA ARG A 648 -4.99 -4.89 9.29
C ARG A 648 -5.58 -5.63 8.08
N ASP A 649 -5.40 -5.12 6.87
CA ASP A 649 -5.80 -5.84 5.65
C ASP A 649 -5.18 -7.24 5.67
N ALA A 650 -3.91 -7.34 6.04
CA ALA A 650 -3.18 -8.59 5.92
C ALA A 650 -3.61 -9.67 6.92
N TYR A 651 -3.77 -9.31 8.20
CA TYR A 651 -4.08 -10.26 9.26
C TYR A 651 -5.54 -10.76 9.16
N ARG A 652 -6.48 -9.87 8.89
CA ARG A 652 -7.87 -10.27 8.62
C ARG A 652 -7.94 -11.24 7.44
N GLU A 653 -7.29 -10.86 6.36
CA GLU A 653 -7.09 -11.69 5.18
C GLU A 653 -6.55 -13.09 5.47
N ALA A 654 -5.50 -13.16 6.29
CA ALA A 654 -4.78 -14.40 6.51
C ALA A 654 -5.66 -15.32 7.34
N GLN A 655 -6.05 -14.84 8.52
CA GLN A 655 -6.91 -15.57 9.44
C GLN A 655 -8.12 -16.14 8.73
N GLN A 656 -8.82 -15.33 7.96
CA GLN A 656 -9.88 -15.86 7.11
C GLN A 656 -9.41 -17.07 6.26
N LEU A 657 -8.32 -16.87 5.52
CA LEU A 657 -7.76 -17.87 4.60
C LEU A 657 -7.35 -19.22 5.25
N VAL A 658 -6.73 -19.11 6.42
CA VAL A 658 -6.16 -20.24 7.18
C VAL A 658 -7.28 -21.04 7.76
N GLN A 659 -8.30 -20.37 8.27
CA GLN A 659 -9.51 -21.04 8.74
C GLN A 659 -10.03 -22.13 7.80
N ARG A 660 -10.00 -21.87 6.49
CA ARG A 660 -10.45 -22.80 5.46
C ARG A 660 -9.43 -23.90 5.07
N VAL A 661 -8.34 -24.06 5.83
CA VAL A 661 -7.31 -25.06 5.50
C VAL A 661 -7.15 -26.00 6.70
N PRO A 662 -7.61 -27.26 6.55
CA PRO A 662 -7.49 -28.20 7.66
C PRO A 662 -6.05 -28.36 8.20
N LYS A 663 -5.10 -28.54 7.30
CA LYS A 663 -3.69 -28.70 7.66
C LYS A 663 -3.05 -27.48 8.41
N MET A 664 -3.68 -26.28 8.37
CA MET A 664 -3.15 -25.07 9.04
C MET A 664 -3.95 -24.47 10.21
N LYS A 665 -5.25 -24.67 10.30
CA LYS A 665 -6.02 -24.08 11.42
C LYS A 665 -5.70 -24.74 12.77
N ASN A 666 -6.14 -24.11 13.84
CA ASN A 666 -6.06 -24.68 15.19
C ASN A 666 -7.22 -25.63 15.34
N LYS A 667 -7.00 -26.65 16.17
CA LYS A 667 -7.97 -27.70 16.46
C LYS A 667 -8.10 -27.81 17.97
N PRO A 668 -9.08 -28.59 18.46
CA PRO A 668 -9.23 -28.69 19.93
C PRO A 668 -8.05 -29.37 20.68
N ARG A 669 -7.70 -28.83 21.85
CA ARG A 669 -6.67 -29.40 22.76
C ARG A 669 -7.18 -29.51 24.21
N SER B 12 -38.43 -41.81 -11.47
CA SER B 12 -37.35 -41.72 -10.45
C SER B 12 -36.19 -42.66 -10.76
N GLU B 13 -35.41 -42.32 -11.78
CA GLU B 13 -34.17 -43.02 -12.10
C GLU B 13 -33.12 -42.73 -11.02
N LEU B 14 -33.19 -41.54 -10.41
CA LEU B 14 -32.32 -41.18 -9.28
C LEU B 14 -32.64 -41.95 -7.97
N ASP B 15 -33.86 -42.46 -7.81
CA ASP B 15 -34.22 -43.30 -6.64
C ASP B 15 -33.73 -44.73 -6.74
N GLN B 16 -33.86 -45.33 -7.93
CA GLN B 16 -33.39 -46.71 -8.19
C GLN B 16 -31.86 -46.85 -8.30
N LEU B 17 -31.16 -45.75 -8.60
CA LEU B 17 -29.70 -45.70 -8.54
C LEU B 17 -29.19 -45.35 -7.12
N ARG B 18 -29.99 -44.60 -6.36
CA ARG B 18 -29.74 -44.38 -4.92
C ARG B 18 -30.13 -45.58 -4.01
N GLN B 19 -30.86 -46.55 -4.56
CA GLN B 19 -31.11 -47.84 -3.90
C GLN B 19 -30.19 -48.95 -4.36
N GLU B 20 -29.71 -48.90 -5.61
CA GLU B 20 -28.67 -49.84 -6.07
C GLU B 20 -27.30 -49.57 -5.42
N ALA B 21 -27.05 -48.33 -5.01
CA ALA B 21 -25.81 -47.98 -4.31
C ALA B 21 -25.75 -48.60 -2.91
N GLU B 22 -26.80 -48.38 -2.10
CA GLU B 22 -26.89 -48.92 -0.73
C GLU B 22 -26.88 -50.46 -0.69
N GLN B 23 -27.37 -51.06 -1.78
CA GLN B 23 -27.41 -52.51 -1.99
C GLN B 23 -26.02 -53.09 -2.37
N LEU B 24 -25.41 -52.55 -3.43
CA LEU B 24 -24.00 -52.86 -3.82
C LEU B 24 -23.01 -52.70 -2.65
N LYS B 25 -23.14 -51.61 -1.89
CA LYS B 25 -22.35 -51.39 -0.66
C LYS B 25 -22.39 -52.58 0.30
N ASN B 26 -23.58 -53.15 0.47
CA ASN B 26 -23.79 -54.32 1.35
C ASN B 26 -23.21 -55.62 0.77
N GLN B 27 -23.19 -55.75 -0.56
CA GLN B 27 -22.50 -56.87 -1.23
C GLN B 27 -21.02 -56.90 -0.89
N ILE B 28 -20.39 -55.72 -0.91
CA ILE B 28 -18.99 -55.54 -0.54
C ILE B 28 -18.76 -55.81 0.96
N ARG B 29 -19.66 -55.31 1.83
CA ARG B 29 -19.60 -55.62 3.27
C ARG B 29 -19.58 -57.11 3.54
N ASP B 30 -20.39 -57.84 2.78
CA ASP B 30 -20.49 -59.28 2.94
C ASP B 30 -19.26 -60.03 2.46
N ALA B 31 -18.74 -59.65 1.31
CA ALA B 31 -17.54 -60.32 0.77
C ALA B 31 -16.36 -60.25 1.73
N ARG B 32 -16.27 -59.15 2.48
CA ARG B 32 -15.19 -58.89 3.46
C ARG B 32 -15.42 -59.53 4.82
N LYS B 33 -16.65 -59.44 5.32
CA LYS B 33 -17.00 -60.11 6.58
C LYS B 33 -16.78 -61.60 6.52
N ALA B 34 -16.74 -62.15 5.29
CA ALA B 34 -16.48 -63.59 5.02
C ALA B 34 -15.00 -63.95 4.94
N CYS B 35 -14.18 -62.94 4.60
CA CYS B 35 -12.72 -63.03 4.77
C CYS B 35 -12.29 -62.80 6.22
N ALA B 36 -13.14 -62.17 7.03
CA ALA B 36 -12.88 -61.89 8.46
C ALA B 36 -12.93 -63.09 9.40
N ASP B 37 -12.04 -64.04 9.15
CA ASP B 37 -12.02 -65.27 9.92
C ASP B 37 -11.15 -65.16 11.19
N ALA B 38 -10.08 -64.36 11.14
CA ALA B 38 -9.27 -64.06 12.32
C ALA B 38 -8.89 -62.59 12.35
N THR B 39 -8.25 -62.20 13.45
CA THR B 39 -7.77 -60.86 13.62
C THR B 39 -6.26 -60.89 13.74
N LEU B 40 -5.60 -59.85 13.20
CA LEU B 40 -4.15 -59.73 13.27
C LEU B 40 -3.69 -59.87 14.71
N SER B 41 -4.41 -59.23 15.62
CA SER B 41 -4.16 -59.33 17.06
C SER B 41 -4.09 -60.80 17.56
N GLN B 42 -5.05 -61.62 17.11
CA GLN B 42 -5.06 -63.07 17.35
C GLN B 42 -3.89 -63.75 16.68
N ILE B 43 -3.71 -63.46 15.39
CA ILE B 43 -2.64 -64.08 14.60
C ILE B 43 -1.23 -63.84 15.16
N THR B 44 -0.99 -62.63 15.69
CA THR B 44 0.30 -62.22 16.27
C THR B 44 0.36 -62.28 17.82
N ASN B 45 -0.58 -62.97 18.45
CA ASN B 45 -0.69 -62.98 19.91
C ASN B 45 0.50 -63.62 20.58
N ASN B 46 1.27 -64.36 19.77
CA ASN B 46 2.29 -65.25 20.28
C ASN B 46 3.72 -64.73 20.26
N ILE B 47 4.04 -63.96 19.21
CA ILE B 47 5.36 -63.37 19.02
C ILE B 47 5.73 -62.40 20.12
N ASP B 48 7.00 -62.39 20.48
CA ASP B 48 7.49 -61.53 21.54
C ASP B 48 7.29 -60.01 21.24
N PRO B 49 6.91 -59.24 22.27
CA PRO B 49 6.69 -57.82 22.11
C PRO B 49 8.02 -57.10 21.79
N VAL B 50 7.96 -55.88 21.23
CA VAL B 50 9.17 -55.29 20.63
C VAL B 50 10.13 -54.73 21.64
N GLY B 51 9.60 -54.28 22.77
CA GLY B 51 10.44 -53.83 23.87
C GLY B 51 10.13 -52.43 24.30
N ARG B 52 11.07 -51.81 24.99
CA ARG B 52 10.94 -50.41 25.27
C ARG B 52 11.85 -49.64 24.34
N ILE B 53 11.19 -48.92 23.42
CA ILE B 53 11.84 -48.08 22.45
C ILE B 53 12.10 -46.72 23.15
N GLN B 54 13.38 -46.45 23.46
CA GLN B 54 13.80 -45.14 23.98
C GLN B 54 14.79 -44.48 23.02
N MET B 55 14.23 -43.96 21.94
CA MET B 55 15.01 -43.16 21.00
C MET B 55 15.24 -41.78 21.64
N ARG B 56 16.36 -41.16 21.30
CA ARG B 56 16.72 -39.87 21.87
C ARG B 56 17.02 -38.87 20.73
N THR B 57 16.94 -37.58 21.03
CA THR B 57 17.26 -36.56 20.02
C THR B 57 18.74 -36.59 19.66
N ARG B 58 19.08 -36.99 18.44
CA ARG B 58 20.49 -37.07 18.06
C ARG B 58 20.95 -35.87 17.32
N ARG B 59 20.04 -35.19 16.61
CA ARG B 59 20.28 -33.83 16.11
C ARG B 59 19.03 -32.98 16.26
N THR B 60 19.23 -31.69 16.49
CA THR B 60 18.16 -30.68 16.37
C THR B 60 18.56 -29.84 15.19
N LEU B 61 17.60 -29.37 14.39
CA LEU B 61 17.91 -28.61 13.17
C LEU B 61 17.28 -27.21 13.19
N ARG B 62 18.11 -26.21 13.52
CA ARG B 62 17.64 -24.84 13.72
C ARG B 62 17.80 -24.02 12.41
N GLY B 63 16.84 -23.16 12.08
CA GLY B 63 16.85 -22.50 10.77
C GLY B 63 15.54 -21.83 10.41
N HIS B 64 14.47 -22.61 10.30
CA HIS B 64 13.17 -22.04 9.97
C HIS B 64 12.73 -21.06 11.06
N LEU B 65 12.03 -20.00 10.65
CA LEU B 65 11.64 -18.88 11.51
C LEU B 65 10.19 -18.97 12.01
N ALA B 66 9.49 -19.99 11.56
CA ALA B 66 8.14 -20.19 12.01
C ALA B 66 7.77 -21.67 11.85
N LYS B 67 6.52 -21.99 12.12
CA LYS B 67 6.02 -23.34 11.92
C LYS B 67 6.60 -24.10 10.70
N ILE B 68 7.06 -25.34 10.93
CA ILE B 68 7.25 -26.34 9.85
C ILE B 68 5.97 -27.12 9.62
N TYR B 69 5.63 -27.32 8.33
CA TYR B 69 4.44 -28.05 7.91
C TYR B 69 4.75 -29.43 7.33
N ALA B 70 5.95 -29.63 6.78
CA ALA B 70 6.26 -30.79 5.95
C ALA B 70 7.75 -31.09 5.86
N MET B 71 8.10 -32.35 5.61
CA MET B 71 9.50 -32.72 5.33
C MET B 71 9.58 -33.94 4.44
N HIS B 72 10.77 -34.31 4.00
CA HIS B 72 10.94 -35.53 3.21
C HIS B 72 12.41 -35.94 3.06
N TRP B 73 12.75 -37.13 3.57
CA TRP B 73 14.05 -37.75 3.36
C TRP B 73 14.38 -37.96 1.89
N GLY B 74 15.63 -37.69 1.53
CA GLY B 74 16.17 -38.10 0.24
C GLY B 74 16.54 -39.56 0.41
N THR B 75 16.63 -40.26 -0.71
CA THR B 75 16.98 -41.67 -0.70
C THR B 75 18.38 -41.95 -0.13
N ASP B 76 19.30 -40.99 -0.13
CA ASP B 76 20.59 -41.24 0.57
C ASP B 76 20.49 -41.41 2.09
N SER B 77 19.30 -41.33 2.67
CA SER B 77 19.12 -41.47 4.11
C SER B 77 19.95 -40.44 4.90
N ARG B 78 20.12 -39.24 4.34
CA ARG B 78 21.05 -38.22 4.85
C ARG B 78 20.55 -36.79 4.63
N LEU B 79 20.16 -36.45 3.40
CA LEU B 79 19.59 -35.12 3.13
C LEU B 79 18.09 -35.19 3.24
N LEU B 80 17.48 -34.14 3.76
CA LEU B 80 16.03 -34.06 3.81
C LEU B 80 15.65 -32.63 3.45
N VAL B 81 14.49 -32.47 2.82
CA VAL B 81 13.92 -31.18 2.48
C VAL B 81 12.78 -30.84 3.44
N SER B 82 12.63 -29.58 3.84
CA SER B 82 11.62 -29.18 4.84
C SER B 82 10.96 -27.85 4.46
N ALA B 83 9.67 -27.74 4.73
CA ALA B 83 8.87 -26.67 4.19
C ALA B 83 8.12 -25.96 5.27
N SER B 84 8.35 -24.64 5.37
CA SER B 84 7.88 -23.88 6.51
C SER B 84 7.01 -22.68 6.15
N GLN B 85 6.24 -22.25 7.15
CA GLN B 85 5.44 -21.02 7.13
C GLN B 85 6.25 -19.77 6.80
N ASP B 86 7.54 -19.79 7.12
CA ASP B 86 8.44 -18.67 6.79
C ASP B 86 8.70 -18.48 5.27
N GLY B 87 8.03 -19.29 4.45
CA GLY B 87 8.03 -19.15 3.02
C GLY B 87 9.30 -19.72 2.40
N LYS B 88 9.81 -20.80 2.97
CA LYS B 88 11.15 -21.23 2.63
C LYS B 88 11.26 -22.76 2.59
N LEU B 89 12.14 -23.26 1.73
CA LEU B 89 12.54 -24.66 1.77
C LEU B 89 13.97 -24.67 2.25
N ILE B 90 14.28 -25.56 3.19
CA ILE B 90 15.66 -25.81 3.59
C ILE B 90 15.92 -27.28 3.24
N ILE B 91 17.16 -27.52 2.83
CA ILE B 91 17.63 -28.82 2.50
C ILE B 91 18.82 -28.99 3.38
N TRP B 92 18.72 -29.93 4.31
CA TRP B 92 19.69 -30.13 5.36
C TRP B 92 20.53 -31.37 5.06
N ASP B 93 21.75 -31.35 5.57
CA ASP B 93 22.62 -32.53 5.68
C ASP B 93 22.53 -32.98 7.14
N SER B 94 21.65 -33.97 7.37
CA SER B 94 21.38 -34.47 8.73
C SER B 94 22.65 -34.87 9.47
N TYR B 95 23.68 -35.29 8.74
CA TYR B 95 24.88 -35.82 9.36
C TYR B 95 25.71 -34.75 10.06
N THR B 96 25.64 -33.51 9.57
CA THR B 96 26.41 -32.39 10.11
C THR B 96 25.58 -31.23 10.64
N THR B 97 24.28 -31.22 10.34
CA THR B 97 23.38 -30.06 10.54
C THR B 97 23.61 -28.89 9.56
N ASN B 98 24.49 -29.09 8.59
CA ASN B 98 24.73 -28.08 7.60
C ASN B 98 23.54 -27.94 6.71
N LYS B 99 23.36 -26.72 6.18
CA LYS B 99 22.38 -26.44 5.15
C LYS B 99 23.04 -26.65 3.79
N VAL B 100 22.36 -27.42 2.94
CA VAL B 100 22.79 -27.68 1.56
C VAL B 100 22.24 -26.57 0.66
N HIS B 101 20.98 -26.19 0.90
CA HIS B 101 20.27 -25.10 0.21
C HIS B 101 19.16 -24.48 1.07
N ALA B 102 19.03 -23.16 1.00
CA ALA B 102 17.85 -22.46 1.49
C ALA B 102 17.19 -21.84 0.24
N ILE B 103 15.91 -22.13 0.04
CA ILE B 103 15.19 -21.77 -1.18
C ILE B 103 14.02 -20.91 -0.78
N PRO B 104 14.15 -19.55 -0.95
CA PRO B 104 13.01 -18.70 -0.73
C PRO B 104 12.06 -18.88 -1.88
N LEU B 105 10.77 -18.86 -1.57
CA LEU B 105 9.73 -19.24 -2.51
C LEU B 105 8.93 -18.05 -3.03
N ARG B 106 8.26 -18.25 -4.16
CA ARG B 106 7.39 -17.20 -4.69
C ARG B 106 6.10 -17.07 -3.90
N SER B 107 5.65 -18.10 -3.21
CA SER B 107 4.43 -18.01 -2.40
C SER B 107 4.75 -18.31 -0.94
N SER B 108 4.23 -17.51 -0.02
CA SER B 108 4.38 -17.77 1.42
C SER B 108 3.59 -19.03 1.85
N TRP B 109 2.46 -19.27 1.20
CA TRP B 109 1.54 -20.27 1.67
C TRP B 109 1.97 -21.61 1.11
N VAL B 110 2.92 -22.22 1.78
CA VAL B 110 3.45 -23.51 1.36
C VAL B 110 2.94 -24.47 2.41
N MET B 111 2.73 -25.71 1.98
CA MET B 111 2.19 -26.77 2.82
C MET B 111 2.90 -28.13 2.68
N THR B 112 3.61 -28.38 1.58
CA THR B 112 4.15 -29.72 1.30
C THR B 112 5.49 -29.69 0.63
N CYS B 113 6.25 -30.76 0.72
CA CYS B 113 7.50 -30.84 0.00
C CYS B 113 7.89 -32.25 -0.28
N ALA B 114 8.74 -32.44 -1.25
CA ALA B 114 9.10 -33.74 -1.71
C ALA B 114 10.50 -33.72 -2.32
N TYR B 115 11.22 -34.82 -2.19
CA TYR B 115 12.61 -34.92 -2.62
C TYR B 115 12.55 -36.05 -3.65
N ALA B 116 13.12 -35.81 -4.82
CA ALA B 116 13.07 -36.78 -5.90
C ALA B 116 13.98 -37.92 -5.55
N PRO B 117 13.61 -39.16 -5.94
CA PRO B 117 14.49 -40.30 -5.68
C PRO B 117 15.91 -40.10 -6.18
N SER B 118 16.07 -39.42 -7.32
CA SER B 118 17.37 -39.24 -7.95
C SER B 118 18.32 -38.41 -7.13
N GLY B 119 17.78 -37.38 -6.46
CA GLY B 119 18.62 -36.37 -5.77
C GLY B 119 18.52 -35.00 -6.41
N ASN B 120 18.05 -34.98 -7.66
CA ASN B 120 18.21 -33.85 -8.57
C ASN B 120 17.22 -32.71 -8.41
N TYR B 121 15.97 -32.99 -8.07
CA TYR B 121 14.97 -31.94 -7.92
C TYR B 121 14.35 -32.02 -6.53
N VAL B 122 13.68 -30.96 -6.10
CA VAL B 122 12.72 -31.05 -4.99
C VAL B 122 11.44 -30.46 -5.49
N ALA B 123 10.33 -30.73 -4.82
CA ALA B 123 9.05 -30.14 -5.20
C ALA B 123 8.39 -29.57 -3.98
N CYS B 124 7.46 -28.64 -4.16
CA CYS B 124 6.72 -28.07 -3.02
C CYS B 124 5.50 -27.35 -3.52
N GLY B 125 4.54 -27.08 -2.64
CA GLY B 125 3.28 -26.48 -3.09
C GLY B 125 2.52 -25.95 -1.92
N GLY B 126 1.34 -25.40 -2.17
CA GLY B 126 0.55 -24.88 -1.05
C GLY B 126 -0.77 -24.29 -1.48
N LEU B 127 -1.12 -23.13 -0.92
CA LEU B 127 -2.32 -22.40 -1.37
C LEU B 127 -2.10 -21.69 -2.71
N ASP B 128 -0.86 -21.68 -3.20
CA ASP B 128 -0.56 -21.31 -4.59
C ASP B 128 -1.22 -22.22 -5.62
N ASN B 129 -1.67 -23.42 -5.22
CA ASN B 129 -2.44 -24.35 -6.07
C ASN B 129 -1.63 -24.90 -7.25
N ILE B 130 -0.32 -25.00 -7.04
CA ILE B 130 0.63 -25.32 -8.09
C ILE B 130 1.79 -26.08 -7.47
N CYS B 131 2.12 -27.23 -8.04
CA CYS B 131 3.31 -27.95 -7.65
C CYS B 131 4.48 -27.32 -8.42
N SER B 132 5.46 -26.80 -7.70
CA SER B 132 6.57 -26.13 -8.33
C SER B 132 7.80 -27.01 -8.25
N ILE B 133 8.31 -27.47 -9.39
CA ILE B 133 9.56 -28.23 -9.39
C ILE B 133 10.76 -27.30 -9.34
N TYR B 134 11.72 -27.57 -8.45
CA TYR B 134 12.99 -26.86 -8.37
C TYR B 134 14.13 -27.78 -8.82
N ASN B 135 15.11 -27.24 -9.54
CA ASN B 135 16.29 -27.97 -9.96
C ASN B 135 17.44 -27.58 -9.03
N LEU B 136 18.05 -28.59 -8.41
CA LEU B 136 19.17 -28.40 -7.47
C LEU B 136 20.55 -28.61 -8.11
N LYS B 137 20.61 -28.99 -9.40
CA LYS B 137 21.89 -29.07 -10.13
C LYS B 137 21.74 -28.50 -11.54
N THR B 138 21.46 -27.20 -11.67
CA THR B 138 21.40 -26.57 -13.01
C THR B 138 22.80 -26.54 -13.61
N ARG B 139 22.86 -26.52 -14.95
CA ARG B 139 24.10 -26.23 -15.69
C ARG B 139 24.81 -25.03 -15.06
N GLU B 140 24.01 -24.02 -14.70
CA GLU B 140 24.49 -22.76 -14.15
C GLU B 140 24.97 -22.86 -12.69
N GLY B 141 24.60 -23.94 -11.98
CA GLY B 141 25.02 -24.16 -10.60
C GLY B 141 24.21 -23.39 -9.56
N ASN B 142 23.05 -22.84 -9.96
CA ASN B 142 22.09 -22.20 -9.04
C ASN B 142 20.79 -22.99 -8.93
N VAL B 143 20.10 -22.82 -7.81
CA VAL B 143 18.81 -23.48 -7.57
C VAL B 143 17.72 -22.59 -8.16
N ARG B 144 17.09 -23.09 -9.22
CA ARG B 144 16.09 -22.34 -9.95
C ARG B 144 14.84 -23.17 -10.09
N VAL B 145 13.69 -22.50 -10.13
CA VAL B 145 12.41 -23.14 -10.47
C VAL B 145 12.62 -23.65 -11.87
N SER B 146 12.52 -24.95 -12.08
CA SER B 146 12.63 -25.52 -13.41
C SER B 146 11.28 -25.79 -14.02
N ARG B 147 10.20 -25.80 -13.22
CA ARG B 147 8.84 -25.98 -13.76
C ARG B 147 7.83 -25.56 -12.69
N GLU B 148 6.63 -25.24 -13.14
CA GLU B 148 5.51 -24.94 -12.25
C GLU B 148 4.38 -25.77 -12.82
N LEU B 149 3.64 -26.52 -12.00
CA LEU B 149 2.62 -27.44 -12.52
C LEU B 149 1.20 -26.98 -12.17
N ALA B 150 0.68 -26.01 -12.92
CA ALA B 150 -0.68 -25.54 -12.70
C ALA B 150 -1.71 -26.41 -13.41
N GLY B 151 -2.88 -26.49 -12.79
CA GLY B 151 -3.93 -27.40 -13.20
C GLY B 151 -4.95 -27.56 -12.11
N HIS B 152 -4.49 -27.83 -10.88
CA HIS B 152 -5.42 -27.99 -9.75
C HIS B 152 -6.22 -26.74 -9.49
N THR B 153 -7.50 -26.92 -9.14
CA THR B 153 -8.34 -25.83 -8.72
C THR B 153 -8.44 -25.63 -7.20
N GLY B 154 -7.55 -26.23 -6.40
CA GLY B 154 -7.49 -26.00 -4.94
C GLY B 154 -6.07 -26.12 -4.44
N TYR B 155 -5.90 -26.04 -3.13
CA TYR B 155 -4.54 -26.10 -2.55
C TYR B 155 -3.83 -27.42 -2.77
N LEU B 156 -2.51 -27.38 -2.87
CA LEU B 156 -1.70 -28.60 -2.92
C LEU B 156 -1.42 -29.06 -1.46
N SER B 157 -1.67 -30.33 -1.16
CA SER B 157 -1.48 -30.88 0.19
C SER B 157 -0.38 -31.91 0.29
N CYS B 158 0.05 -32.47 -0.83
CA CYS B 158 1.12 -33.44 -0.85
C CYS B 158 1.48 -33.73 -2.27
N CYS B 159 2.74 -34.10 -2.53
CA CYS B 159 3.16 -34.63 -3.82
C CYS B 159 4.33 -35.61 -3.72
N ARG B 160 4.49 -36.51 -4.69
CA ARG B 160 5.67 -37.37 -4.71
C ARG B 160 6.10 -37.73 -6.10
N PHE B 161 7.40 -37.76 -6.28
CA PHE B 161 8.00 -38.09 -7.56
C PHE B 161 7.94 -39.59 -7.78
N LEU B 162 7.72 -40.02 -9.02
CA LEU B 162 8.08 -41.37 -9.48
C LEU B 162 9.52 -41.38 -10.05
N ASP B 163 9.85 -40.38 -10.87
CA ASP B 163 11.23 -40.17 -11.34
C ASP B 163 11.41 -38.70 -11.65
N ASP B 164 12.51 -38.31 -12.31
CA ASP B 164 12.71 -36.88 -12.66
C ASP B 164 11.70 -36.26 -13.62
N ASN B 165 10.96 -37.08 -14.37
CA ASN B 165 9.95 -36.61 -15.34
C ASN B 165 8.46 -36.78 -14.90
N GLN B 166 8.22 -37.38 -13.73
CA GLN B 166 6.85 -37.72 -13.28
C GLN B 166 6.64 -37.51 -11.80
N ILE B 167 5.46 -36.99 -11.46
CA ILE B 167 5.12 -36.64 -10.09
C ILE B 167 3.62 -36.77 -9.91
N VAL B 168 3.19 -37.31 -8.78
CA VAL B 168 1.77 -37.45 -8.47
C VAL B 168 1.51 -36.38 -7.45
N THR B 169 0.37 -35.72 -7.55
CA THR B 169 -0.02 -34.67 -6.61
C THR B 169 -1.36 -34.99 -6.01
N SER B 170 -1.71 -34.31 -4.93
CA SER B 170 -3.04 -34.38 -4.33
C SER B 170 -3.47 -33.00 -3.89
N SER B 171 -4.71 -32.63 -4.20
CA SER B 171 -5.18 -31.26 -3.96
C SER B 171 -6.49 -31.21 -3.17
N GLY B 172 -6.77 -30.06 -2.53
CA GLY B 172 -8.05 -29.78 -1.88
C GLY B 172 -9.23 -29.64 -2.85
N ASP B 173 -8.93 -29.56 -4.15
CA ASP B 173 -9.95 -29.76 -5.17
C ASP B 173 -10.51 -31.20 -5.25
N THR B 174 -10.08 -32.10 -4.36
CA THR B 174 -10.65 -33.46 -4.16
C THR B 174 -10.17 -34.48 -5.19
N THR B 175 -8.93 -34.33 -5.60
CA THR B 175 -8.39 -35.04 -6.75
C THR B 175 -6.90 -35.24 -6.60
N CYS B 176 -6.39 -36.26 -7.25
CA CYS B 176 -4.97 -36.44 -7.39
C CYS B 176 -4.69 -36.42 -8.88
N ALA B 177 -3.42 -36.41 -9.27
CA ALA B 177 -3.05 -36.29 -10.68
C ALA B 177 -1.60 -36.67 -10.91
N LEU B 178 -1.33 -37.47 -11.93
CA LEU B 178 0.04 -37.81 -12.33
C LEU B 178 0.41 -36.84 -13.42
N TRP B 179 1.53 -36.14 -13.25
CA TRP B 179 1.98 -35.11 -14.19
C TRP B 179 3.13 -35.61 -15.05
N ASP B 180 3.37 -34.89 -16.13
CA ASP B 180 4.56 -35.04 -16.96
C ASP B 180 5.26 -33.70 -16.86
N ILE B 181 6.44 -33.69 -16.24
CA ILE B 181 7.10 -32.44 -15.85
C ILE B 181 7.54 -31.66 -17.08
N GLU B 182 7.94 -32.37 -18.15
CA GLU B 182 8.26 -31.74 -19.44
C GLU B 182 7.03 -31.03 -20.03
N THR B 183 5.98 -31.80 -20.34
CA THR B 183 4.76 -31.21 -20.93
C THR B 183 3.99 -30.27 -19.98
N GLY B 184 4.21 -30.38 -18.67
CA GLY B 184 3.49 -29.55 -17.68
C GLY B 184 1.99 -29.83 -17.53
N GLN B 185 1.52 -30.95 -18.10
CA GLN B 185 0.09 -31.28 -18.14
C GLN B 185 -0.19 -32.51 -17.29
N GLN B 186 -1.46 -32.70 -16.95
CA GLN B 186 -1.86 -33.88 -16.19
C GLN B 186 -2.05 -35.07 -17.14
N THR B 187 -1.09 -36.01 -17.13
CA THR B 187 -1.24 -37.30 -17.83
C THR B 187 -2.52 -38.02 -17.42
N THR B 188 -2.80 -38.06 -16.13
CA THR B 188 -3.89 -38.82 -15.59
C THR B 188 -4.51 -38.06 -14.46
N THR B 189 -5.84 -37.99 -14.41
CA THR B 189 -6.51 -37.40 -13.26
C THR B 189 -7.28 -38.46 -12.47
N PHE B 190 -7.19 -38.37 -11.15
CA PHE B 190 -7.75 -39.31 -10.22
C PHE B 190 -8.87 -38.65 -9.40
N THR B 191 -10.06 -38.64 -9.99
CA THR B 191 -11.27 -38.14 -9.32
C THR B 191 -11.92 -39.31 -8.62
N GLY B 192 -12.61 -39.03 -7.51
CA GLY B 192 -13.16 -40.06 -6.61
C GLY B 192 -13.52 -39.58 -5.20
N HIS B 193 -12.62 -38.80 -4.60
CA HIS B 193 -12.84 -38.31 -3.24
C HIS B 193 -13.94 -37.26 -3.20
N THR B 194 -14.67 -37.22 -2.08
CA THR B 194 -15.78 -36.28 -1.86
C THR B 194 -15.40 -35.20 -0.82
N GLY B 195 -14.15 -34.76 -0.88
CA GLY B 195 -13.61 -33.91 0.16
C GLY B 195 -12.11 -33.89 0.07
N ASP B 196 -11.54 -32.90 0.74
CA ASP B 196 -10.17 -32.47 0.43
C ASP B 196 -9.15 -33.59 0.63
N VAL B 197 -8.32 -33.83 -0.40
CA VAL B 197 -7.35 -34.92 -0.39
C VAL B 197 -6.11 -34.36 0.32
N MET B 198 -5.73 -34.95 1.45
CA MET B 198 -4.67 -34.44 2.35
C MET B 198 -3.30 -35.08 2.20
N SER B 199 -3.21 -36.26 1.61
CA SER B 199 -1.96 -37.01 1.63
C SER B 199 -2.02 -38.16 0.68
N LEU B 200 -0.86 -38.50 0.13
CA LEU B 200 -0.73 -39.66 -0.75
C LEU B 200 0.57 -40.44 -0.51
N SER B 201 0.54 -41.73 -0.80
CA SER B 201 1.73 -42.56 -0.72
C SER B 201 1.80 -43.52 -1.90
N LEU B 202 3.01 -43.69 -2.41
CA LEU B 202 3.27 -44.55 -3.55
C LEU B 202 3.66 -45.90 -3.08
N ALA B 203 3.23 -46.92 -3.81
CA ALA B 203 3.68 -48.27 -3.53
C ALA B 203 5.14 -48.35 -3.95
N PRO B 204 5.89 -49.34 -3.43
CA PRO B 204 7.29 -49.56 -3.80
C PRO B 204 7.53 -49.72 -5.29
N ASP B 205 6.75 -50.57 -5.96
CA ASP B 205 6.83 -50.70 -7.44
C ASP B 205 6.25 -49.51 -8.27
N THR B 206 5.63 -48.55 -7.59
CA THR B 206 5.10 -47.31 -8.19
C THR B 206 4.06 -47.50 -9.30
N ARG B 207 3.47 -48.69 -9.39
CA ARG B 207 2.36 -48.94 -10.30
C ARG B 207 1.02 -48.62 -9.62
N LEU B 208 1.08 -48.36 -8.31
CA LEU B 208 -0.09 -48.11 -7.47
C LEU B 208 0.24 -47.03 -6.46
N PHE B 209 -0.78 -46.32 -5.99
CA PHE B 209 -0.62 -45.40 -4.87
C PHE B 209 -1.93 -45.23 -4.13
N VAL B 210 -1.84 -44.79 -2.88
CA VAL B 210 -3.02 -44.60 -2.04
C VAL B 210 -3.11 -43.18 -1.59
N SER B 211 -4.33 -42.73 -1.32
CA SER B 211 -4.61 -41.33 -0.92
C SER B 211 -5.59 -41.28 0.25
N GLY B 212 -5.36 -40.42 1.22
CA GLY B 212 -6.34 -40.15 2.29
C GLY B 212 -6.97 -38.77 2.09
N ALA B 213 -8.17 -38.61 2.62
CA ALA B 213 -8.95 -37.40 2.38
C ALA B 213 -9.84 -37.07 3.55
N CYS B 214 -10.34 -35.84 3.59
CA CYS B 214 -11.22 -35.34 4.66
C CYS B 214 -12.64 -35.91 4.57
N ASP B 215 -12.93 -36.64 3.50
CA ASP B 215 -14.11 -37.54 3.47
C ASP B 215 -13.99 -38.81 4.33
N ALA B 216 -12.87 -39.02 5.04
CA ALA B 216 -12.68 -40.15 5.98
C ALA B 216 -12.47 -41.51 5.31
N SER B 217 -11.97 -41.48 4.08
CA SER B 217 -11.70 -42.70 3.32
C SER B 217 -10.32 -42.62 2.69
N ALA B 218 -9.68 -43.77 2.50
CA ALA B 218 -8.50 -43.85 1.64
C ALA B 218 -8.83 -44.64 0.39
N LYS B 219 -8.10 -44.37 -0.69
CA LYS B 219 -8.36 -44.94 -2.01
C LYS B 219 -7.08 -45.44 -2.59
N LEU B 220 -7.17 -46.53 -3.35
CA LEU B 220 -6.03 -47.16 -4.00
C LEU B 220 -6.21 -46.92 -5.49
N TRP B 221 -5.23 -46.33 -6.16
CA TRP B 221 -5.36 -45.98 -7.61
C TRP B 221 -4.37 -46.77 -8.41
N ASP B 222 -4.64 -46.88 -9.71
CA ASP B 222 -3.66 -47.43 -10.65
C ASP B 222 -3.11 -46.25 -11.38
N VAL B 223 -1.78 -46.20 -11.45
CA VAL B 223 -1.06 -45.12 -12.14
C VAL B 223 -1.44 -45.08 -13.62
N ARG B 224 -1.27 -46.21 -14.31
CA ARG B 224 -1.57 -46.31 -15.74
C ARG B 224 -3.06 -46.20 -16.06
N GLU B 225 -3.85 -47.18 -15.63
CA GLU B 225 -5.29 -47.22 -15.98
C GLU B 225 -6.15 -46.14 -15.29
N GLY B 226 -5.62 -45.45 -14.29
CA GLY B 226 -6.22 -44.20 -13.84
C GLY B 226 -7.57 -44.23 -13.15
N MET B 227 -8.01 -45.40 -12.68
CA MET B 227 -9.26 -45.51 -11.92
C MET B 227 -8.99 -45.95 -10.48
N CYS B 228 -9.98 -45.75 -9.60
CA CYS B 228 -9.95 -46.16 -8.19
C CYS B 228 -10.27 -47.65 -8.08
N ARG B 229 -9.26 -48.47 -7.75
CA ARG B 229 -9.45 -49.94 -7.66
C ARG B 229 -10.26 -50.39 -6.44
N GLN B 230 -9.88 -49.83 -5.29
CA GLN B 230 -10.46 -50.20 -4.00
C GLN B 230 -10.66 -48.95 -3.13
N THR B 231 -11.65 -48.99 -2.25
CA THR B 231 -11.96 -47.92 -1.29
C THR B 231 -12.18 -48.40 0.16
N PHE B 232 -11.38 -47.85 1.06
CA PHE B 232 -11.29 -48.23 2.46
C PHE B 232 -11.89 -47.19 3.40
N THR B 233 -12.91 -47.59 4.14
CA THR B 233 -13.56 -46.70 5.11
C THR B 233 -13.38 -47.26 6.50
N GLY B 234 -13.97 -46.56 7.48
CA GLY B 234 -13.86 -46.93 8.88
C GLY B 234 -13.47 -45.76 9.77
N HIS B 235 -12.68 -44.82 9.25
CA HIS B 235 -12.29 -43.66 10.05
C HIS B 235 -13.50 -42.77 10.28
N GLU B 236 -13.52 -42.08 11.42
CA GLU B 236 -14.69 -41.30 11.83
C GLU B 236 -14.60 -39.81 11.48
N SER B 237 -13.55 -39.41 10.75
CA SER B 237 -13.04 -38.05 10.74
C SER B 237 -11.83 -37.91 9.81
N ASP B 238 -11.40 -36.67 9.55
CA ASP B 238 -10.47 -36.42 8.43
C ASP B 238 -9.19 -37.28 8.51
N ILE B 239 -8.88 -37.99 7.44
CA ILE B 239 -7.59 -38.64 7.31
C ILE B 239 -6.56 -37.66 6.77
N ASN B 240 -5.56 -37.41 7.61
CA ASN B 240 -4.49 -36.45 7.42
C ASN B 240 -3.23 -37.06 6.88
N ALA B 241 -2.95 -38.32 7.10
CA ALA B 241 -1.78 -38.92 6.49
C ALA B 241 -1.99 -40.41 6.28
N ILE B 242 -1.11 -41.01 5.49
CA ILE B 242 -1.29 -42.30 4.90
C ILE B 242 0.09 -42.79 4.47
N CYS B 243 0.36 -44.08 4.55
CA CYS B 243 1.71 -44.56 4.37
C CYS B 243 1.76 -46.05 4.02
N PHE B 244 2.44 -46.39 2.92
CA PHE B 244 2.53 -47.80 2.46
C PHE B 244 3.41 -48.61 3.37
N PHE B 245 3.00 -49.84 3.66
CA PHE B 245 3.83 -50.82 4.37
C PHE B 245 4.83 -51.41 3.34
N PRO B 246 6.07 -51.70 3.77
CA PRO B 246 7.19 -51.93 2.84
C PRO B 246 7.03 -52.97 1.75
N ASN B 247 6.33 -54.07 2.02
CA ASN B 247 6.10 -55.05 0.97
C ASN B 247 5.12 -54.58 -0.12
N GLY B 248 4.46 -53.42 0.06
CA GLY B 248 3.45 -52.91 -0.88
C GLY B 248 2.01 -53.44 -0.75
N ASN B 249 1.74 -54.29 0.24
CA ASN B 249 0.47 -54.99 0.38
C ASN B 249 -0.50 -54.38 1.37
N ALA B 250 -0.10 -53.30 2.04
CA ALA B 250 -0.95 -52.73 3.08
C ALA B 250 -0.54 -51.34 3.36
N PHE B 251 -1.40 -50.56 3.99
CA PHE B 251 -1.04 -49.18 4.30
C PHE B 251 -1.61 -48.74 5.62
N ALA B 252 -1.00 -47.68 6.14
CA ALA B 252 -1.37 -47.10 7.41
C ALA B 252 -2.04 -45.77 7.14
N THR B 253 -2.83 -45.30 8.09
CA THR B 253 -3.49 -44.02 8.01
C THR B 253 -3.42 -43.35 9.35
N GLY B 254 -3.76 -42.07 9.37
CA GLY B 254 -3.75 -41.25 10.58
C GLY B 254 -4.82 -40.20 10.45
N SER B 255 -5.67 -40.08 11.47
CA SER B 255 -6.89 -39.28 11.39
C SER B 255 -7.03 -38.31 12.53
N ASP B 256 -7.83 -37.27 12.33
CA ASP B 256 -8.34 -36.45 13.44
C ASP B 256 -9.04 -37.25 14.56
N ASP B 257 -9.64 -38.40 14.24
CA ASP B 257 -10.31 -39.22 15.25
C ASP B 257 -9.43 -39.79 16.40
N ALA B 258 -8.12 -39.58 16.33
CA ALA B 258 -7.13 -39.92 17.38
C ALA B 258 -6.66 -41.36 17.26
N THR B 259 -6.84 -41.90 16.06
CA THR B 259 -6.48 -43.28 15.78
C THR B 259 -5.55 -43.33 14.59
N CYS B 260 -4.77 -44.40 14.47
CA CYS B 260 -4.24 -44.82 13.17
C CYS B 260 -4.92 -46.11 12.82
N ARG B 261 -4.85 -46.48 11.55
CA ARG B 261 -5.37 -47.77 11.12
C ARG B 261 -4.48 -48.41 10.07
N LEU B 262 -4.47 -49.75 10.11
CA LEU B 262 -3.78 -50.58 9.13
C LEU B 262 -4.83 -51.27 8.24
N PHE B 263 -4.64 -51.16 6.94
CA PHE B 263 -5.56 -51.69 5.95
C PHE B 263 -4.75 -52.63 5.06
N ASP B 264 -5.32 -53.79 4.76
CA ASP B 264 -4.68 -54.78 3.90
C ASP B 264 -5.31 -54.66 2.52
N LEU B 265 -4.54 -54.83 1.46
CA LEU B 265 -5.07 -54.66 0.10
C LEU B 265 -5.86 -55.89 -0.39
N ARG B 266 -5.30 -57.07 -0.16
CA ARG B 266 -5.88 -58.29 -0.69
C ARG B 266 -7.06 -58.70 0.12
N ALA B 267 -7.00 -58.51 1.44
CA ALA B 267 -8.16 -58.76 2.30
C ALA B 267 -9.16 -57.62 2.25
N ASP B 268 -8.72 -56.46 1.76
CA ASP B 268 -9.61 -55.37 1.37
C ASP B 268 -10.46 -54.84 2.52
N GLN B 269 -9.82 -54.56 3.64
CA GLN B 269 -10.51 -54.11 4.84
C GLN B 269 -9.51 -53.78 5.93
N GLU B 270 -10.01 -53.18 7.01
CA GLU B 270 -9.18 -52.79 8.14
C GLU B 270 -8.67 -53.99 8.94
N LEU B 271 -7.35 -54.17 9.06
CA LEU B 271 -6.77 -55.19 9.95
C LEU B 271 -6.57 -54.74 11.39
N MET B 272 -6.33 -53.45 11.66
CA MET B 272 -5.97 -53.01 13.03
C MET B 272 -6.26 -51.53 13.32
N THR B 273 -6.36 -51.18 14.61
CA THR B 273 -6.53 -49.83 15.12
C THR B 273 -5.59 -49.48 16.30
N TYR B 274 -4.82 -48.39 16.12
CA TYR B 274 -3.83 -48.00 17.10
C TYR B 274 -4.39 -46.77 17.73
N SER B 275 -4.53 -46.76 19.05
CA SER B 275 -5.28 -45.74 19.80
C SER B 275 -5.17 -45.98 21.32
N HIS B 276 -5.77 -45.11 22.10
CA HIS B 276 -5.60 -45.09 23.56
C HIS B 276 -6.48 -43.98 24.12
N ASP B 277 -7.09 -44.18 25.27
CA ASP B 277 -8.04 -43.20 25.82
C ASP B 277 -7.33 -41.94 26.36
N ASN B 278 -6.03 -42.06 26.67
CA ASN B 278 -5.20 -40.89 26.99
C ASN B 278 -4.96 -39.97 25.77
N ILE B 279 -4.79 -40.62 24.63
CA ILE B 279 -4.59 -39.98 23.38
C ILE B 279 -5.95 -39.43 22.91
N ILE B 280 -6.03 -38.11 22.82
CA ILE B 280 -7.20 -37.34 22.35
C ILE B 280 -6.92 -36.44 21.11
N CYS B 281 -5.70 -35.97 20.95
N CYS B 281 -5.69 -35.95 20.95
CA CYS B 281 -5.32 -35.14 19.82
CA CYS B 281 -5.34 -35.10 19.83
C CYS B 281 -5.25 -35.98 18.54
C CYS B 281 -5.16 -35.94 18.55
N GLY B 282 -5.24 -35.29 17.40
CA GLY B 282 -5.24 -35.95 16.08
C GLY B 282 -3.87 -36.25 15.51
N ILE B 283 -3.83 -37.10 14.50
CA ILE B 283 -2.59 -37.54 13.89
C ILE B 283 -2.29 -36.64 12.69
N THR B 284 -1.03 -36.26 12.56
CA THR B 284 -0.58 -35.48 11.45
C THR B 284 0.33 -36.20 10.46
N SER B 285 0.77 -37.42 10.74
CA SER B 285 1.74 -38.12 9.90
C SER B 285 2.02 -39.56 10.42
N VAL B 286 2.39 -40.42 9.49
CA VAL B 286 2.66 -41.83 9.78
C VAL B 286 3.85 -42.31 8.97
N SER B 287 4.50 -43.35 9.46
CA SER B 287 5.71 -43.85 8.84
C SER B 287 6.11 -45.18 9.44
N PHE B 288 6.57 -46.08 8.60
CA PHE B 288 7.02 -47.32 9.09
C PHE B 288 8.52 -47.30 9.22
N SER B 289 9.01 -48.00 10.23
CA SER B 289 10.38 -48.50 10.28
C SER B 289 10.64 -49.39 9.08
N LYS B 290 11.89 -49.83 8.97
CA LYS B 290 12.34 -50.51 7.78
C LYS B 290 11.63 -51.84 7.56
N SER B 291 11.53 -52.64 8.62
CA SER B 291 10.90 -53.97 8.50
C SER B 291 9.38 -53.94 8.54
N GLY B 292 8.78 -52.80 8.88
CA GLY B 292 7.33 -52.69 8.95
C GLY B 292 6.80 -52.95 10.36
N ARG B 293 7.63 -53.46 11.26
CA ARG B 293 7.16 -53.81 12.58
C ARG B 293 6.76 -52.61 13.45
N LEU B 294 7.47 -51.50 13.30
CA LEU B 294 7.15 -50.25 14.03
C LEU B 294 6.33 -49.30 13.18
N LEU B 295 5.32 -48.65 13.78
CA LEU B 295 4.51 -47.64 13.12
C LEU B 295 4.57 -46.32 13.88
N LEU B 296 5.28 -45.32 13.33
CA LEU B 296 5.51 -44.06 14.02
C LEU B 296 4.45 -43.08 13.60
N ALA B 297 3.93 -42.34 14.57
CA ALA B 297 2.77 -41.48 14.37
C ALA B 297 2.98 -40.15 15.08
N GLY B 298 2.69 -39.04 14.37
CA GLY B 298 2.92 -37.65 14.84
C GLY B 298 1.64 -36.93 15.25
N TYR B 299 1.66 -36.25 16.38
CA TYR B 299 0.43 -35.79 16.98
C TYR B 299 0.47 -34.32 17.37
N ASP B 300 -0.73 -33.75 17.44
CA ASP B 300 -0.95 -32.39 17.84
C ASP B 300 -0.81 -32.17 19.38
N ASP B 301 -0.43 -33.20 20.17
CA ASP B 301 -0.09 -33.01 21.60
C ASP B 301 1.42 -32.81 21.86
N PHE B 302 2.15 -32.58 20.75
CA PHE B 302 3.59 -32.30 20.72
C PHE B 302 4.46 -33.56 20.89
N ASN B 303 3.85 -34.72 20.63
CA ASN B 303 4.55 -36.01 20.68
C ASN B 303 4.42 -36.80 19.40
N CYS B 304 5.38 -37.67 19.20
CA CYS B 304 5.27 -38.75 18.23
C CYS B 304 5.13 -40.04 19.05
N ASN B 305 4.22 -40.95 18.68
CA ASN B 305 4.07 -42.28 19.35
C ASN B 305 4.59 -43.41 18.45
N VAL B 306 5.40 -44.28 19.04
CA VAL B 306 5.83 -45.51 18.37
C VAL B 306 4.88 -46.67 18.70
N TRP B 307 4.30 -47.27 17.67
CA TRP B 307 3.40 -48.36 17.85
C TRP B 307 4.03 -49.64 17.32
N ASP B 308 3.77 -50.74 18.04
CA ASP B 308 3.97 -52.09 17.54
C ASP B 308 2.91 -52.37 16.48
N ALA B 309 3.30 -52.31 15.21
CA ALA B 309 2.36 -52.50 14.09
C ALA B 309 1.60 -53.80 14.14
N LEU B 310 2.29 -54.86 14.57
CA LEU B 310 1.70 -56.20 14.72
C LEU B 310 0.75 -56.34 15.89
N LYS B 311 1.17 -55.86 17.07
CA LYS B 311 0.45 -56.09 18.32
C LYS B 311 -0.42 -54.93 18.83
N ALA B 312 -0.46 -53.81 18.12
CA ALA B 312 -1.09 -52.55 18.62
C ALA B 312 -0.64 -51.94 19.99
N ASP B 313 0.29 -52.57 20.71
CA ASP B 313 0.93 -51.93 21.88
C ASP B 313 1.66 -50.62 21.47
N ARG B 314 1.65 -49.66 22.38
CA ARG B 314 2.43 -48.43 22.23
C ARG B 314 3.82 -48.68 22.80
N ALA B 315 4.81 -48.86 21.94
CA ALA B 315 6.17 -49.20 22.38
C ALA B 315 7.01 -48.03 22.93
N GLY B 316 6.76 -46.82 22.44
CA GLY B 316 7.53 -45.66 22.89
C GLY B 316 6.92 -44.34 22.46
N VAL B 317 7.55 -43.27 22.96
CA VAL B 317 7.15 -41.88 22.73
C VAL B 317 8.40 -41.11 22.44
N LEU B 318 8.42 -40.35 21.35
CA LEU B 318 9.46 -39.26 21.14
C LEU B 318 8.86 -37.92 21.62
N ALA B 319 9.37 -37.36 22.71
CA ALA B 319 8.79 -36.15 23.34
C ALA B 319 9.80 -35.00 23.32
N GLY B 320 9.70 -34.18 22.29
CA GLY B 320 10.80 -33.27 21.91
C GLY B 320 10.44 -31.83 21.66
N HIS B 321 9.34 -31.61 20.95
CA HIS B 321 8.90 -30.31 20.51
C HIS B 321 7.92 -29.64 21.46
N ASP B 322 7.84 -28.31 21.42
CA ASP B 322 6.92 -27.52 22.26
C ASP B 322 5.67 -27.04 21.53
N ASN B 323 5.48 -27.46 20.28
CA ASN B 323 4.19 -27.38 19.59
C ASN B 323 3.97 -28.66 18.77
N ARG B 324 2.82 -28.72 18.13
CA ARG B 324 2.49 -29.75 17.19
C ARG B 324 3.66 -30.38 16.44
N VAL B 325 3.81 -31.70 16.57
CA VAL B 325 4.52 -32.49 15.58
C VAL B 325 3.63 -32.57 14.35
N SER B 326 4.11 -31.99 13.24
CA SER B 326 3.35 -31.82 12.00
C SER B 326 3.70 -32.85 10.93
N CYS B 327 4.92 -33.36 10.99
CA CYS B 327 5.45 -34.28 9.99
C CYS B 327 6.54 -35.15 10.61
N LEU B 328 6.86 -36.24 9.93
CA LEU B 328 7.95 -37.13 10.33
C LEU B 328 8.34 -38.05 9.19
N GLY B 329 9.32 -38.91 9.41
CA GLY B 329 9.66 -39.92 8.41
C GLY B 329 10.88 -40.75 8.75
N VAL B 330 10.90 -41.99 8.33
CA VAL B 330 12.02 -42.86 8.62
C VAL B 330 12.93 -42.90 7.40
N THR B 331 14.24 -42.99 7.61
CA THR B 331 15.18 -43.05 6.50
C THR B 331 15.14 -44.42 5.83
N ASP B 332 15.35 -44.47 4.51
CA ASP B 332 15.36 -45.74 3.75
C ASP B 332 16.22 -46.82 4.39
N ASP B 333 17.46 -46.44 4.77
CA ASP B 333 18.37 -47.42 5.42
C ASP B 333 17.96 -47.79 6.86
N GLY B 334 16.96 -47.08 7.39
CA GLY B 334 16.25 -47.45 8.61
C GLY B 334 16.90 -46.89 9.83
N MET B 335 17.98 -46.14 9.62
CA MET B 335 18.86 -45.73 10.69
C MET B 335 18.28 -44.67 11.60
N ALA B 336 17.38 -43.82 11.09
CA ALA B 336 16.87 -42.75 11.91
C ALA B 336 15.50 -42.29 11.48
N VAL B 337 14.88 -41.52 12.35
CA VAL B 337 13.58 -40.92 12.08
C VAL B 337 13.71 -39.44 12.37
N ALA B 338 13.03 -38.63 11.59
CA ALA B 338 13.05 -37.22 11.78
C ALA B 338 11.65 -36.78 12.15
N THR B 339 11.55 -35.81 13.05
CA THR B 339 10.27 -35.12 13.29
C THR B 339 10.40 -33.64 12.92
N GLY B 340 9.28 -33.01 12.59
CA GLY B 340 9.22 -31.60 12.19
C GLY B 340 7.98 -30.99 12.80
N SER B 341 8.14 -29.93 13.58
CA SER B 341 7.02 -29.34 14.32
C SER B 341 6.75 -27.88 13.97
N TRP B 342 5.55 -27.45 14.39
CA TRP B 342 5.15 -26.04 14.54
C TRP B 342 6.05 -25.21 15.44
N ASP B 343 6.91 -25.84 16.26
CA ASP B 343 7.91 -25.10 17.05
C ASP B 343 9.08 -24.61 16.22
N SER B 344 9.10 -24.99 14.93
CA SER B 344 10.07 -24.48 13.86
C SER B 344 11.35 -25.35 13.72
N PHE B 345 11.50 -26.28 14.68
CA PHE B 345 12.59 -27.23 14.76
C PHE B 345 12.19 -28.56 14.13
N LEU B 346 13.20 -29.15 13.47
CA LEU B 346 13.21 -30.54 13.13
C LEU B 346 14.12 -31.15 14.15
N LYS B 347 13.89 -32.42 14.46
CA LYS B 347 14.81 -33.25 15.24
C LYS B 347 14.99 -34.59 14.60
N ILE B 348 16.15 -35.17 14.80
CA ILE B 348 16.47 -36.44 14.21
C ILE B 348 16.69 -37.35 15.36
N TRP B 349 16.03 -38.50 15.37
CA TRP B 349 16.13 -39.44 16.49
C TRP B 349 16.49 -40.87 16.11
N ASN B 350 17.14 -41.57 17.06
CA ASN B 350 17.14 -43.04 17.15
C ASN B 350 17.73 -43.50 18.51
N SER C 8 -28.25 -34.46 -11.59
CA SER C 8 -27.25 -35.46 -11.12
C SER C 8 -27.75 -36.92 -11.25
N ILE C 9 -28.49 -37.20 -12.33
CA ILE C 9 -28.95 -38.56 -12.67
C ILE C 9 -27.79 -39.28 -13.38
N ALA C 10 -27.10 -38.53 -14.25
CA ALA C 10 -25.86 -38.96 -14.87
C ALA C 10 -24.81 -39.38 -13.85
N GLN C 11 -24.77 -38.71 -12.71
CA GLN C 11 -23.74 -38.89 -11.66
C GLN C 11 -23.90 -40.09 -10.69
N ALA C 12 -25.11 -40.37 -10.21
CA ALA C 12 -25.35 -41.56 -9.37
C ALA C 12 -25.33 -42.89 -10.16
N ARG C 13 -25.37 -42.79 -11.50
CA ARG C 13 -25.16 -43.94 -12.39
C ARG C 13 -23.68 -44.28 -12.56
N LYS C 14 -22.84 -43.25 -12.49
CA LYS C 14 -21.38 -43.40 -12.50
C LYS C 14 -20.85 -44.01 -11.19
N LEU C 15 -21.47 -43.65 -10.06
CA LEU C 15 -21.20 -44.28 -8.75
C LEU C 15 -21.46 -45.80 -8.75
N VAL C 16 -22.53 -46.23 -9.41
CA VAL C 16 -22.84 -47.66 -9.53
C VAL C 16 -21.79 -48.40 -10.35
N GLU C 17 -21.57 -47.96 -11.59
CA GLU C 17 -20.56 -48.58 -12.46
C GLU C 17 -19.17 -48.66 -11.79
N GLN C 18 -18.86 -47.71 -10.92
CA GLN C 18 -17.66 -47.76 -10.04
C GLN C 18 -17.74 -48.88 -9.00
N LEU C 19 -18.83 -48.93 -8.23
CA LEU C 19 -19.02 -49.95 -7.18
C LEU C 19 -18.92 -51.39 -7.69
N LYS C 20 -19.36 -51.61 -8.93
CA LYS C 20 -19.21 -52.90 -9.63
C LYS C 20 -17.73 -53.29 -9.71
N MET C 21 -16.89 -52.34 -10.12
CA MET C 21 -15.44 -52.54 -10.16
C MET C 21 -14.85 -52.90 -8.79
N GLU C 22 -15.26 -52.17 -7.74
CA GLU C 22 -14.79 -52.41 -6.36
C GLU C 22 -15.21 -53.79 -5.84
N ALA C 23 -16.35 -54.31 -6.29
CA ALA C 23 -16.86 -55.63 -5.82
C ALA C 23 -16.18 -56.83 -6.47
N ASN C 24 -16.06 -56.82 -7.79
CA ASN C 24 -15.43 -57.93 -8.53
C ASN C 24 -13.92 -57.92 -8.36
N ILE C 25 -13.43 -58.42 -7.22
CA ILE C 25 -11.98 -58.58 -7.00
C ILE C 25 -11.69 -59.88 -6.23
N ASP C 26 -10.53 -60.47 -6.48
CA ASP C 26 -10.10 -61.68 -5.72
C ASP C 26 -9.64 -61.30 -4.29
N ARG C 27 -10.49 -61.56 -3.29
CA ARG C 27 -10.12 -61.34 -1.87
C ARG C 27 -9.45 -62.54 -1.22
N ILE C 28 -8.74 -62.29 -0.12
CA ILE C 28 -8.08 -63.35 0.63
C ILE C 28 -8.45 -63.27 2.09
N LYS C 29 -8.29 -64.36 2.80
CA LYS C 29 -8.72 -64.41 4.19
C LYS C 29 -7.80 -63.57 5.04
N VAL C 30 -8.39 -62.80 5.96
CA VAL C 30 -7.61 -62.01 6.92
C VAL C 30 -6.53 -62.87 7.57
N SER C 31 -6.89 -64.04 8.05
CA SER C 31 -5.90 -65.00 8.57
C SER C 31 -4.62 -65.10 7.75
N LYS C 32 -4.73 -65.11 6.42
CA LYS C 32 -3.55 -65.24 5.59
C LYS C 32 -2.82 -63.93 5.50
N ALA C 33 -3.56 -62.89 5.14
CA ALA C 33 -3.07 -61.52 5.13
C ALA C 33 -2.15 -61.26 6.34
N ALA C 34 -2.73 -61.38 7.54
CA ALA C 34 -1.99 -61.20 8.79
C ALA C 34 -0.76 -62.08 8.84
N ALA C 35 -0.93 -63.37 8.55
CA ALA C 35 0.19 -64.32 8.42
C ALA C 35 1.30 -63.85 7.50
N ASP C 36 0.96 -63.23 6.37
CA ASP C 36 1.96 -62.68 5.43
C ASP C 36 2.67 -61.44 5.96
N LEU C 37 1.93 -60.56 6.65
CA LEU C 37 2.52 -59.37 7.25
C LEU C 37 3.49 -59.78 8.30
N MET C 38 3.01 -60.52 9.29
CA MET C 38 3.82 -60.98 10.44
C MET C 38 5.09 -61.68 10.00
N ALA C 39 4.97 -62.46 8.92
CA ALA C 39 6.11 -63.21 8.38
C ALA C 39 7.10 -62.35 7.66
N TYR C 40 6.61 -61.33 6.98
CA TYR C 40 7.48 -60.27 6.48
C TYR C 40 8.25 -59.58 7.63
N CYS C 41 7.55 -59.15 8.68
CA CYS C 41 8.23 -58.45 9.75
C CYS C 41 9.35 -59.29 10.32
N GLU C 42 9.11 -60.56 10.60
CA GLU C 42 10.20 -61.40 11.13
C GLU C 42 11.27 -61.63 10.08
N ALA C 43 10.89 -61.76 8.81
CA ALA C 43 11.88 -61.99 7.74
C ALA C 43 13.01 -61.01 7.82
N HIS C 44 12.63 -59.73 7.90
CA HIS C 44 13.53 -58.59 7.78
C HIS C 44 13.88 -57.88 9.08
N ALA C 45 13.44 -58.38 10.23
CA ALA C 45 13.72 -57.70 11.52
C ALA C 45 15.22 -57.52 11.86
N LYS C 46 16.11 -58.36 11.33
CA LYS C 46 17.56 -58.21 11.52
C LYS C 46 18.14 -57.11 10.67
N GLU C 47 17.42 -56.69 9.63
CA GLU C 47 17.84 -55.59 8.76
C GLU C 47 17.26 -54.22 9.16
N ASP C 48 16.58 -54.17 10.30
CA ASP C 48 15.87 -52.99 10.79
C ASP C 48 16.62 -52.42 12.00
N PRO C 49 17.36 -51.29 11.84
CA PRO C 49 18.18 -50.83 12.98
C PRO C 49 17.40 -50.32 14.17
N LEU C 50 16.14 -49.94 13.96
CA LEU C 50 15.30 -49.48 15.05
C LEU C 50 14.91 -50.62 15.99
N LEU C 51 15.00 -51.86 15.52
CA LEU C 51 14.78 -53.09 16.33
C LEU C 51 16.06 -53.82 16.72
N THR C 52 16.96 -54.03 15.75
CA THR C 52 18.26 -54.70 15.93
C THR C 52 19.39 -53.67 15.78
N PRO C 53 19.87 -53.05 16.90
CA PRO C 53 20.89 -52.00 16.76
C PRO C 53 22.11 -52.43 15.98
N VAL C 54 22.74 -51.45 15.32
CA VAL C 54 23.98 -51.70 14.61
C VAL C 54 25.09 -51.26 15.53
N PRO C 55 26.35 -51.50 15.13
CA PRO C 55 27.43 -50.98 16.00
C PRO C 55 27.41 -49.46 15.96
N ALA C 56 27.90 -48.81 17.03
CA ALA C 56 27.94 -47.34 17.08
C ALA C 56 28.82 -46.74 15.98
N SER C 57 29.99 -47.33 15.75
CA SER C 57 30.92 -46.91 14.69
C SER C 57 30.37 -46.85 13.28
N GLU C 58 29.32 -47.62 13.00
CA GLU C 58 28.65 -47.61 11.70
C GLU C 58 27.41 -46.69 11.71
N ASN C 59 27.13 -45.99 12.80
CA ASN C 59 25.92 -45.16 12.91
C ASN C 59 26.28 -43.68 12.83
N PRO C 60 25.93 -43.02 11.70
CA PRO C 60 26.09 -41.59 11.53
C PRO C 60 25.65 -40.77 12.74
N PHE C 61 24.58 -41.20 13.41
CA PHE C 61 23.99 -40.43 14.51
C PHE C 61 24.42 -40.83 15.93
N ARG C 62 25.50 -41.61 16.04
CA ARG C 62 26.11 -41.91 17.35
C ARG C 62 27.61 -41.64 17.42
N GLU C 63 28.39 -42.46 16.68
CA GLU C 63 29.84 -42.49 16.77
C GLU C 63 30.64 -42.65 15.46
N LYS C 64 29.95 -42.74 14.31
CA LYS C 64 30.62 -42.76 13.00
C LYS C 64 31.44 -41.48 12.73
N LYS C 65 32.71 -41.66 12.36
CA LYS C 65 33.59 -40.52 12.13
C LYS C 65 33.79 -40.23 10.66
N PHE C 66 34.08 -41.26 9.86
CA PHE C 66 34.33 -41.04 8.44
C PHE C 66 33.12 -41.27 7.57
N PHE C 67 32.99 -40.38 6.58
CA PHE C 67 31.83 -40.31 5.69
C PHE C 67 32.21 -40.16 4.23
O T0E D . -5.98 42.06 13.88
C6 T0E D . -5.78 42.19 12.69
N T0E D . -6.74 42.02 11.76
C7 T0E D . -8.13 41.74 12.09
C8 T0E D . -8.33 40.26 12.02
N2 T0E D . -8.13 39.48 10.96
N1 T0E D . -8.43 38.15 11.27
C10 T0E D . -8.81 38.13 12.57
C9 T0E D . -8.76 39.43 13.06
C5 T0E D . -4.40 42.64 12.27
C T0E D . -3.23 42.02 12.75
F T0E D . -3.28 40.98 13.61
C4 T0E D . -4.31 43.73 11.39
C3 T0E D . -3.07 44.22 10.97
C2 T0E D . -1.90 43.61 11.45
C1 T0E D . -1.99 42.52 12.33
C11 T0E D . -2.96 45.38 10.02
C15 T0E D . -3.38 44.95 8.61
C14 T0E D . -3.42 46.10 7.61
N3 T0E D . -4.26 47.18 8.12
C13 T0E D . -3.72 47.67 9.39
C12 T0E D . -3.80 46.57 10.45
C16 T0E D . -2.49 43.85 8.02
O1 T0E D . -1.08 44.03 8.23
C17 T0E D . -0.17 43.26 7.50
C23 T0E D . -0.55 42.11 6.80
C22 T0E D . 0.41 41.40 6.08
O3 T0E D . 0.26 40.26 5.35
C21 T0E D . 1.51 39.99 4.72
O2 T0E D . 2.43 40.94 5.29
C20 T0E D . 1.71 41.81 6.05
C19 T0E D . 2.13 42.95 6.72
C18 T0E D . 1.17 43.67 7.46
MG MG E . -28.53 42.90 3.23
N CMT F . 32.52 -41.25 3.54
CA CMT F . 32.66 -41.27 2.09
C CMT F . 31.34 -41.14 1.39
O CMT F . 31.34 -41.22 0.17
CB CMT F . 33.33 -42.58 1.65
SG CMT F . 34.76 -43.05 2.68
OXT CMT F . 30.05 -40.91 2.08
C1 CMT F . 29.34 -41.87 2.89
#